data_6E9O
#
_entry.id   6E9O
#
_cell.length_a   217.070
_cell.length_b   70.710
_cell.length_c   107.160
_cell.angle_alpha   90.00
_cell.angle_beta   101.81
_cell.angle_gamma   90.00
#
_symmetry.space_group_name_H-M   'C 1 2 1'
#
loop_
_entity.id
_entity.type
_entity.pdbx_description
1 polymer 'D-galactonate transport'
2 non-polymer 'D-galactonic acid'
3 water water
#
_entity_poly.entity_id   1
_entity_poly.type   'polypeptide(L)'
_entity_poly.pdbx_seq_one_letter_code
;MVSGFAMPKIWRKLAMDIPVNAAKPGRRRYLTLVMIFITVVICYVDRANLAVASAHIQEEFGITKAEMGYVFSAFAWLYT
LCQIPGGWFLDRVGSRVTYFIAIFGWSVATLFQGFATGLMSLIGLRAITGIFQAPAFPTNNRMVTSWFPEHERASAVGFY
TSGQFVGLAFLTPLLIWIQEMLSWHWVFIVTGGIGIIWSLIWFKVYQPPRLTKGISKAELDYIRDGGGLVDGDAPVKKEA
RQPLTAKDWKLVFHRKLIGVYLGQFAVASTLWFFLTWFPNYLTQEKGITALKAGFMTTVPFLAAFVGVLLSGWVADLLVR
KGFSLGFARKTPIICGLLISTCIMGANYTNDPMMIMCLMALAFFGNGFASITWSLVSSLAPMRLIGLTGGVFNFAGGLGG
ITVPLVVGYLAQGYGFAPALVYISAVALIGALSYILLVGDVKRVGSLVPRGSGSHHHHHH
;
_entity_poly.pdbx_strand_id   B,A
#
loop_
_chem_comp.id
_chem_comp.type
_chem_comp.name
_chem_comp.formula
J0M non-polymer 'D-galactonic acid' 'C6 H12 O7'
#
# COMPACT_ATOMS: atom_id res chain seq x y z
N LYS A 24 9.54 -33.73 -0.01
CA LYS A 24 8.72 -34.94 0.01
C LYS A 24 7.53 -34.78 0.97
N PRO A 25 7.80 -34.46 2.24
CA PRO A 25 6.70 -34.27 3.20
C PRO A 25 6.04 -32.92 2.96
N GLY A 26 5.17 -32.47 3.87
CA GLY A 26 4.56 -31.18 3.65
C GLY A 26 5.61 -30.09 3.65
N ARG A 27 5.54 -29.22 2.65
CA ARG A 27 6.48 -28.12 2.48
C ARG A 27 5.82 -26.77 2.57
N ARG A 28 4.51 -26.69 2.27
CA ARG A 28 3.78 -25.43 2.31
C ARG A 28 3.47 -25.01 3.74
N ARG A 29 3.54 -25.94 4.70
CA ARG A 29 3.29 -25.56 6.09
C ARG A 29 4.22 -24.45 6.51
N TYR A 30 5.48 -24.49 6.07
CA TYR A 30 6.43 -23.44 6.38
C TYR A 30 6.14 -22.17 5.60
N LEU A 31 5.38 -22.26 4.51
CA LEU A 31 5.04 -21.06 3.75
C LEU A 31 4.31 -20.08 4.67
N THR A 32 3.32 -20.58 5.40
CA THR A 32 2.64 -19.73 6.38
C THR A 32 3.62 -19.21 7.42
N LEU A 33 4.62 -20.03 7.80
CA LEU A 33 5.61 -19.55 8.75
C LEU A 33 6.41 -18.38 8.18
N VAL A 34 6.75 -18.45 6.88
CA VAL A 34 7.48 -17.35 6.26
C VAL A 34 6.61 -16.11 6.20
N MET A 35 5.35 -16.28 5.77
CA MET A 35 4.43 -15.15 5.74
C MET A 35 4.28 -14.53 7.13
N ILE A 36 4.25 -15.37 8.17
CA ILE A 36 4.24 -14.83 9.53
C ILE A 36 5.55 -14.13 9.83
N PHE A 37 6.68 -14.77 9.53
CA PHE A 37 7.97 -14.12 9.72
C PHE A 37 8.00 -12.77 9.04
N ILE A 38 7.47 -12.70 7.81
CA ILE A 38 7.39 -11.42 7.11
C ILE A 38 6.51 -10.46 7.90
N THR A 39 5.38 -10.96 8.39
CA THR A 39 4.48 -10.09 9.15
C THR A 39 5.13 -9.63 10.45
N VAL A 40 5.78 -10.56 11.17
CA VAL A 40 6.41 -10.17 12.42
C VAL A 40 7.55 -9.18 12.19
N VAL A 41 8.21 -9.27 11.04
CA VAL A 41 9.24 -8.28 10.70
C VAL A 41 8.60 -6.92 10.44
N ILE A 42 7.67 -6.87 9.50
CA ILE A 42 6.99 -5.62 9.18
C ILE A 42 6.38 -5.01 10.44
N CYS A 43 5.88 -5.87 11.34
CA CYS A 43 5.25 -5.36 12.55
C CYS A 43 6.26 -4.66 13.44
N TYR A 44 7.48 -5.18 13.50
CA TYR A 44 8.53 -4.57 14.33
C TYR A 44 9.25 -3.43 13.64
N VAL A 45 9.14 -3.32 12.32
CA VAL A 45 9.69 -2.14 11.66
C VAL A 45 8.88 -0.90 12.02
N ASP A 46 7.55 -1.02 12.04
CA ASP A 46 6.69 0.08 12.44
C ASP A 46 6.80 0.40 13.92
N ARG A 47 7.47 -0.44 14.70
CA ARG A 47 7.69 -0.14 16.11
C ARG A 47 8.84 0.84 16.29
N ALA A 48 9.96 0.59 15.59
CA ALA A 48 11.17 1.37 15.76
C ALA A 48 11.35 2.45 14.71
N ASN A 49 10.49 2.49 13.69
CA ASN A 49 10.58 3.55 12.69
C ASN A 49 10.49 4.93 13.35
N LEU A 50 9.74 5.04 14.45
CA LEU A 50 9.61 6.32 15.13
C LEU A 50 10.92 6.73 15.78
N ALA A 51 11.65 5.77 16.36
CA ALA A 51 12.94 6.07 16.97
C ALA A 51 13.94 6.58 15.93
N VAL A 52 13.86 6.06 14.70
CA VAL A 52 14.77 6.51 13.65
C VAL A 52 14.53 7.99 13.37
N ALA A 53 13.29 8.37 13.11
CA ALA A 53 12.92 9.75 12.87
C ALA A 53 12.84 10.58 14.14
N SER A 54 13.03 9.97 15.32
CA SER A 54 12.93 10.72 16.56
C SER A 54 13.95 11.84 16.66
N ALA A 55 14.93 11.89 15.76
CA ALA A 55 15.91 12.96 15.74
C ALA A 55 15.46 14.13 14.87
N HIS A 56 14.34 13.97 14.17
CA HIS A 56 13.78 15.00 13.31
C HIS A 56 12.36 15.37 13.67
N ILE A 57 11.63 14.50 14.36
CA ILE A 57 10.24 14.76 14.68
C ILE A 57 10.15 15.91 15.68
N GLN A 58 11.05 15.94 16.66
CA GLN A 58 11.02 16.99 17.67
C GLN A 58 11.29 18.36 17.08
N GLU A 59 12.21 18.44 16.12
CA GLU A 59 12.65 19.74 15.62
C GLU A 59 11.57 20.42 14.77
N GLU A 60 10.83 19.65 13.96
CA GLU A 60 9.89 20.28 13.04
C GLU A 60 8.70 20.87 13.77
N PHE A 61 8.05 20.08 14.63
CA PHE A 61 6.89 20.55 15.36
C PHE A 61 7.25 21.38 16.58
N GLY A 62 8.53 21.62 16.86
CA GLY A 62 8.89 22.38 18.04
C GLY A 62 8.50 21.71 19.33
N ILE A 63 8.44 20.38 19.33
CA ILE A 63 8.00 19.64 20.51
C ILE A 63 9.15 19.57 21.52
N THR A 64 8.79 19.48 22.79
CA THR A 64 9.73 19.32 23.88
C THR A 64 10.01 17.84 24.13
N LYS A 65 11.13 17.56 24.81
CA LYS A 65 11.48 16.17 25.06
C LYS A 65 10.39 15.46 25.85
N ALA A 66 9.74 16.16 26.78
CA ALA A 66 8.70 15.54 27.58
C ALA A 66 7.48 15.20 26.74
N GLU A 67 7.09 16.11 25.83
CA GLU A 67 5.95 15.86 24.97
C GLU A 67 6.20 14.66 24.06
N MET A 68 7.43 14.47 23.60
CA MET A 68 7.74 13.33 22.74
C MET A 68 7.41 12.02 23.43
N GLY A 69 7.62 11.96 24.74
CA GLY A 69 7.27 10.76 25.49
C GLY A 69 5.83 10.35 25.31
N TYR A 70 4.94 11.30 25.03
CA TYR A 70 3.56 10.94 24.77
C TYR A 70 3.46 10.13 23.47
N VAL A 71 4.21 10.53 22.45
CA VAL A 71 4.21 9.79 21.19
C VAL A 71 4.68 8.36 21.41
N PHE A 72 5.82 8.19 22.09
CA PHE A 72 6.29 6.85 22.42
C PHE A 72 5.29 6.09 23.29
N SER A 73 4.88 6.70 24.40
CA SER A 73 3.98 6.03 25.34
C SER A 73 2.65 5.69 24.68
N ALA A 74 2.18 6.53 23.76
CA ALA A 74 0.91 6.26 23.11
C ALA A 74 0.88 4.86 22.50
N PHE A 75 1.97 4.45 21.85
CA PHE A 75 2.00 3.12 21.27
C PHE A 75 2.17 2.04 22.33
N ALA A 76 3.03 2.27 23.32
CA ALA A 76 3.29 1.26 24.34
C ALA A 76 2.02 0.92 25.13
N TRP A 77 1.35 1.94 25.65
CA TRP A 77 0.17 1.73 26.47
C TRP A 77 -0.91 0.94 25.74
N LEU A 78 -1.48 1.52 24.68
CA LEU A 78 -2.56 0.86 23.97
C LEU A 78 -2.16 -0.52 23.47
N TYR A 79 -0.88 -0.72 23.14
CA TYR A 79 -0.45 -2.03 22.68
C TYR A 79 -0.73 -3.12 23.69
N THR A 80 -0.51 -2.83 24.99
CA THR A 80 -0.79 -3.83 26.00
C THR A 80 -2.26 -3.81 26.39
N LEU A 81 -2.85 -2.63 26.52
CA LEU A 81 -4.26 -2.54 26.90
C LEU A 81 -5.15 -3.15 25.85
N CYS A 82 -4.80 -3.02 24.57
CA CYS A 82 -5.62 -3.53 23.48
C CYS A 82 -5.32 -4.98 23.12
N GLN A 83 -4.73 -5.74 24.04
CA GLN A 83 -4.55 -7.17 23.81
C GLN A 83 -5.71 -8.01 24.34
N ILE A 84 -6.20 -7.72 25.54
CA ILE A 84 -7.31 -8.50 26.08
C ILE A 84 -8.54 -8.26 25.21
N PRO A 85 -8.78 -7.05 24.67
CA PRO A 85 -9.85 -6.94 23.68
C PRO A 85 -9.52 -7.73 22.42
N GLY A 86 -8.26 -7.67 21.99
CA GLY A 86 -7.85 -8.44 20.82
C GLY A 86 -8.01 -9.93 21.04
N GLY A 87 -7.57 -10.43 22.19
CA GLY A 87 -7.75 -11.84 22.49
C GLY A 87 -9.21 -12.24 22.39
N TRP A 88 -10.10 -11.39 22.91
CA TRP A 88 -11.52 -11.63 22.74
C TRP A 88 -11.95 -11.40 21.30
N PHE A 89 -11.35 -10.40 20.64
CA PHE A 89 -11.72 -10.12 19.26
C PHE A 89 -11.20 -11.20 18.31
N LEU A 90 -10.10 -11.87 18.66
CA LEU A 90 -9.54 -12.91 17.80
C LEU A 90 -10.47 -14.11 17.73
N ASP A 91 -10.83 -14.67 18.88
CA ASP A 91 -11.69 -15.84 18.90
C ASP A 91 -13.05 -15.49 18.27
N ARG A 92 -13.56 -14.30 18.56
CA ARG A 92 -14.87 -13.91 18.06
C ARG A 92 -14.91 -13.83 16.54
N VAL A 93 -13.89 -13.21 15.94
CA VAL A 93 -13.96 -12.89 14.51
C VAL A 93 -13.23 -13.92 13.65
N GLY A 94 -12.15 -14.49 14.17
CA GLY A 94 -11.37 -15.47 13.45
C GLY A 94 -9.89 -15.15 13.47
N SER A 95 -9.13 -16.06 12.85
CA SER A 95 -7.67 -15.94 12.85
C SER A 95 -7.13 -15.22 11.61
N ARG A 96 -7.83 -15.26 10.48
CA ARG A 96 -7.32 -14.62 9.27
C ARG A 96 -7.75 -13.15 9.24
N VAL A 97 -9.05 -12.91 9.04
CA VAL A 97 -9.56 -11.55 8.87
C VAL A 97 -9.03 -10.62 9.95
N THR A 98 -8.79 -11.13 11.15
CA THR A 98 -8.27 -10.29 12.22
C THR A 98 -6.91 -9.71 11.84
N TYR A 99 -6.05 -10.52 11.22
CA TYR A 99 -4.70 -10.05 10.91
C TYR A 99 -4.75 -9.02 9.78
N PHE A 100 -5.61 -9.26 8.78
CA PHE A 100 -5.83 -8.25 7.74
C PHE A 100 -6.28 -6.94 8.36
N ILE A 101 -7.32 -7.00 9.20
CA ILE A 101 -7.76 -5.80 9.89
C ILE A 101 -6.63 -5.21 10.72
N ALA A 102 -5.76 -6.06 11.27
CA ALA A 102 -4.62 -5.57 12.02
C ALA A 102 -3.57 -4.97 11.11
N ILE A 103 -3.03 -5.77 10.18
CA ILE A 103 -1.99 -5.28 9.29
C ILE A 103 -2.48 -4.06 8.51
N PHE A 104 -3.62 -4.20 7.82
CA PHE A 104 -4.22 -3.06 7.14
C PHE A 104 -4.67 -2.00 8.12
N GLY A 105 -4.74 -2.31 9.41
CA GLY A 105 -5.13 -1.35 10.40
C GLY A 105 -4.00 -0.41 10.77
N TRP A 106 -2.95 -0.94 11.42
CA TRP A 106 -1.86 -0.08 11.85
C TRP A 106 -1.06 0.45 10.66
N SER A 107 -1.01 -0.29 9.55
CA SER A 107 -0.26 0.17 8.39
C SER A 107 -0.84 1.47 7.83
N VAL A 108 -2.15 1.67 7.97
CA VAL A 108 -2.76 2.92 7.53
C VAL A 108 -2.46 4.04 8.52
N ALA A 109 -2.55 3.75 9.82
CA ALA A 109 -2.22 4.76 10.83
C ALA A 109 -0.79 5.26 10.65
N THR A 110 0.17 4.34 10.51
CA THR A 110 1.56 4.73 10.30
C THR A 110 1.72 5.55 9.02
N LEU A 111 0.98 5.19 7.97
CA LEU A 111 1.05 5.96 6.72
C LEU A 111 0.54 7.38 6.94
N PHE A 112 -0.55 7.53 7.71
CA PHE A 112 -1.09 8.87 7.97
C PHE A 112 -0.22 9.68 8.92
N GLN A 113 0.64 9.01 9.70
CA GLN A 113 1.55 9.74 10.59
C GLN A 113 2.52 10.60 9.80
N GLY A 114 2.88 10.19 8.58
CA GLY A 114 3.70 11.03 7.74
C GLY A 114 3.06 12.35 7.34
N PHE A 115 1.74 12.44 7.43
CA PHE A 115 1.01 13.68 7.13
C PHE A 115 0.35 14.25 8.38
N ALA A 116 0.93 14.00 9.55
CA ALA A 116 0.41 14.51 10.81
C ALA A 116 0.84 15.94 11.06
N THR A 117 -0.09 16.75 11.57
CA THR A 117 0.16 18.15 11.88
C THR A 117 0.01 18.38 13.39
N GLY A 118 1.14 18.49 14.08
CA GLY A 118 1.17 18.67 15.51
C GLY A 118 1.30 17.36 16.28
N LEU A 119 1.79 17.50 17.51
CA LEU A 119 2.00 16.31 18.35
C LEU A 119 0.69 15.59 18.63
N MET A 120 -0.43 16.32 18.66
CA MET A 120 -1.71 15.67 18.90
C MET A 120 -2.03 14.67 17.80
N SER A 121 -1.75 15.03 16.55
CA SER A 121 -1.96 14.09 15.46
C SER A 121 -1.05 12.88 15.59
N LEU A 122 0.19 13.10 16.05
CA LEU A 122 1.11 11.98 16.22
C LEU A 122 0.68 11.10 17.39
N ILE A 123 0.28 11.70 18.50
CA ILE A 123 -0.13 10.91 19.66
C ILE A 123 -1.36 10.09 19.32
N GLY A 124 -2.35 10.72 18.67
CA GLY A 124 -3.54 9.99 18.31
C GLY A 124 -3.27 8.86 17.33
N LEU A 125 -2.45 9.13 16.32
CA LEU A 125 -2.18 8.11 15.31
C LEU A 125 -1.33 6.98 15.89
N ARG A 126 -0.30 7.31 16.69
CA ARG A 126 0.47 6.26 17.35
C ARG A 126 -0.41 5.42 18.27
N ALA A 127 -1.41 6.03 18.90
CA ALA A 127 -2.39 5.27 19.65
C ALA A 127 -3.13 4.30 18.74
N ILE A 128 -3.65 4.81 17.61
CA ILE A 128 -4.33 3.95 16.64
C ILE A 128 -3.38 2.86 16.16
N THR A 129 -2.11 3.21 15.94
CA THR A 129 -1.12 2.22 15.50
C THR A 129 -0.97 1.10 16.53
N GLY A 130 -0.98 1.46 17.82
CA GLY A 130 -0.88 0.46 18.86
C GLY A 130 -2.09 -0.45 18.95
N ILE A 131 -3.27 0.08 18.61
CA ILE A 131 -4.49 -0.71 18.70
C ILE A 131 -4.44 -1.88 17.71
N PHE A 132 -4.25 -1.57 16.42
CA PHE A 132 -4.29 -2.62 15.41
C PHE A 132 -3.08 -3.54 15.50
N GLN A 133 -1.96 -3.05 16.04
CA GLN A 133 -0.76 -3.86 16.19
C GLN A 133 -0.75 -4.67 17.49
N ALA A 134 -1.75 -4.51 18.35
CA ALA A 134 -1.79 -5.26 19.60
C ALA A 134 -2.10 -6.73 19.39
N PRO A 135 -3.09 -7.13 18.56
CA PRO A 135 -3.40 -8.56 18.42
C PRO A 135 -2.45 -9.30 17.49
N ALA A 136 -1.19 -8.86 17.44
CA ALA A 136 -0.19 -9.55 16.63
C ALA A 136 0.33 -10.78 17.34
N PHE A 137 0.48 -10.69 18.67
CA PHE A 137 1.03 -11.80 19.43
C PHE A 137 0.05 -12.96 19.52
N PRO A 138 -1.20 -12.76 19.97
CA PRO A 138 -2.12 -13.91 20.00
C PRO A 138 -2.49 -14.45 18.64
N THR A 139 -2.62 -13.58 17.63
CA THR A 139 -3.04 -14.05 16.31
C THR A 139 -1.98 -14.93 15.66
N ASN A 140 -0.71 -14.55 15.77
CA ASN A 140 0.34 -15.40 15.21
C ASN A 140 0.48 -16.69 16.00
N ASN A 141 0.24 -16.64 17.31
CA ASN A 141 0.35 -17.84 18.12
C ASN A 141 -0.64 -18.90 17.67
N ARG A 142 -1.93 -18.54 17.59
CA ARG A 142 -2.92 -19.50 17.08
C ARG A 142 -2.61 -19.88 15.64
N MET A 143 -2.14 -18.92 14.84
CA MET A 143 -1.82 -19.22 13.45
C MET A 143 -0.71 -20.27 13.39
N VAL A 144 0.34 -20.08 14.18
CA VAL A 144 1.42 -21.05 14.22
C VAL A 144 1.01 -22.31 14.98
N THR A 145 0.08 -22.21 15.94
CA THR A 145 -0.36 -23.40 16.66
C THR A 145 -1.31 -24.25 15.83
N SER A 146 -2.06 -23.64 14.91
CA SER A 146 -2.91 -24.42 14.02
C SER A 146 -2.13 -24.95 12.83
N TRP A 147 -0.92 -24.44 12.61
CA TRP A 147 -0.04 -24.94 11.57
C TRP A 147 1.21 -25.61 12.12
N PHE A 148 1.59 -25.32 13.38
CA PHE A 148 2.78 -25.90 13.98
C PHE A 148 2.57 -26.12 15.48
N PRO A 149 1.66 -27.01 15.85
CA PRO A 149 1.50 -27.39 17.26
C PRO A 149 2.41 -28.52 17.72
N GLU A 150 3.38 -28.91 16.90
CA GLU A 150 4.22 -30.07 17.16
C GLU A 150 5.50 -29.66 17.87
N HIS A 151 6.52 -30.52 17.78
CA HIS A 151 7.83 -30.23 18.36
C HIS A 151 8.49 -29.04 17.69
N GLU A 152 8.19 -28.79 16.42
CA GLU A 152 8.81 -27.72 15.66
C GLU A 152 8.18 -26.37 15.92
N ARG A 153 7.18 -26.30 16.81
CA ARG A 153 6.62 -25.00 17.16
C ARG A 153 7.67 -24.11 17.79
N ALA A 154 8.59 -24.70 18.56
CA ALA A 154 9.67 -23.92 19.16
C ALA A 154 10.61 -23.39 18.08
N SER A 155 10.91 -24.22 17.07
CA SER A 155 11.71 -23.73 15.95
C SER A 155 10.93 -22.70 15.13
N ALA A 156 9.60 -22.85 15.08
CA ALA A 156 8.77 -21.85 14.42
C ALA A 156 8.67 -20.59 15.29
N VAL A 157 8.47 -20.78 16.59
CA VAL A 157 8.43 -19.65 17.51
C VAL A 157 9.77 -18.95 17.54
N GLY A 158 10.86 -19.72 17.55
CA GLY A 158 12.19 -19.15 17.49
C GLY A 158 12.60 -18.64 16.14
N PHE A 159 11.69 -18.72 15.16
CA PHE A 159 11.96 -18.24 13.80
C PHE A 159 11.39 -16.85 13.57
N TYR A 160 10.09 -16.64 13.85
CA TYR A 160 9.53 -15.31 13.65
C TYR A 160 9.94 -14.33 14.74
N THR A 161 10.42 -14.82 15.88
CA THR A 161 10.93 -13.91 16.90
C THR A 161 12.28 -13.32 16.48
N SER A 162 13.06 -14.06 15.70
CA SER A 162 14.30 -13.50 15.17
C SER A 162 14.01 -12.34 14.23
N GLY A 163 12.92 -12.43 13.46
CA GLY A 163 12.54 -11.31 12.61
C GLY A 163 12.25 -10.04 13.39
N GLN A 164 11.88 -10.19 14.66
CA GLN A 164 11.70 -9.02 15.52
C GLN A 164 13.03 -8.32 15.75
N PHE A 165 14.04 -9.07 16.20
CA PHE A 165 15.35 -8.47 16.42
C PHE A 165 15.95 -7.98 15.12
N VAL A 166 15.71 -8.69 14.03
CA VAL A 166 16.19 -8.25 12.72
C VAL A 166 15.36 -7.09 12.20
N GLY A 167 14.04 -7.27 12.14
CA GLY A 167 13.17 -6.22 11.62
C GLY A 167 13.25 -4.92 12.40
N LEU A 168 13.50 -5.00 13.70
CA LEU A 168 13.60 -3.78 14.51
C LEU A 168 14.93 -3.07 14.32
N ALA A 169 15.95 -3.78 13.85
CA ALA A 169 17.30 -3.23 13.74
C ALA A 169 17.81 -3.28 12.31
N PHE A 170 18.00 -4.47 11.73
CA PHE A 170 18.68 -4.58 10.45
C PHE A 170 18.09 -3.68 9.39
N LEU A 171 16.85 -3.23 9.56
CA LEU A 171 16.24 -2.29 8.64
C LEU A 171 16.39 -0.85 9.10
N THR A 172 16.81 -0.62 10.34
CA THR A 172 16.99 0.76 10.82
C THR A 172 18.02 1.53 10.01
N PRO A 173 19.12 0.94 9.52
CA PRO A 173 20.02 1.72 8.66
C PRO A 173 19.37 2.10 7.34
N LEU A 174 18.55 1.22 6.77
CA LEU A 174 17.87 1.55 5.52
C LEU A 174 16.92 2.72 5.71
N LEU A 175 16.24 2.79 6.87
CA LEU A 175 15.37 3.92 7.14
C LEU A 175 16.18 5.21 7.23
N ILE A 176 17.31 5.16 7.94
CA ILE A 176 18.17 6.34 8.06
C ILE A 176 18.63 6.78 6.67
N TRP A 177 18.94 5.82 5.80
CA TRP A 177 19.34 6.16 4.44
C TRP A 177 18.21 6.85 3.69
N ILE A 178 16.98 6.35 3.83
CA ILE A 178 15.83 7.00 3.21
C ILE A 178 15.49 8.29 3.94
N GLN A 179 15.88 8.39 5.21
CA GLN A 179 15.58 9.58 6.01
C GLN A 179 16.46 10.76 5.60
N GLU A 180 17.78 10.53 5.49
CA GLU A 180 18.69 11.64 5.23
C GLU A 180 18.65 12.10 3.78
N MET A 181 18.64 11.18 2.83
CA MET A 181 18.64 11.57 1.42
C MET A 181 17.33 12.24 1.03
N LEU A 182 16.22 11.55 1.27
CA LEU A 182 14.90 12.09 0.98
C LEU A 182 14.33 12.72 2.25
N SER A 183 13.05 13.05 2.24
CA SER A 183 12.45 13.66 3.41
C SER A 183 12.26 12.61 4.50
N TRP A 184 11.77 13.06 5.66
CA TRP A 184 11.50 12.16 6.77
C TRP A 184 10.16 11.46 6.65
N HIS A 185 9.22 12.04 5.90
CA HIS A 185 7.89 11.45 5.78
C HIS A 185 7.94 10.08 5.13
N TRP A 186 8.90 9.87 4.24
CA TRP A 186 8.94 8.60 3.52
C TRP A 186 9.19 7.44 4.46
N VAL A 187 9.88 7.68 5.58
CA VAL A 187 10.06 6.61 6.56
C VAL A 187 8.72 6.09 7.06
N PHE A 188 7.73 6.97 7.19
CA PHE A 188 6.41 6.51 7.58
C PHE A 188 5.59 6.03 6.39
N ILE A 189 5.93 6.48 5.18
CA ILE A 189 5.24 5.99 3.99
C ILE A 189 5.78 4.63 3.60
N VAL A 190 7.09 4.44 3.69
CA VAL A 190 7.68 3.13 3.36
C VAL A 190 7.19 2.07 4.33
N THR A 191 7.43 2.27 5.63
CA THR A 191 7.01 1.28 6.61
C THR A 191 5.50 1.08 6.61
N GLY A 192 4.74 2.18 6.56
CA GLY A 192 3.29 2.07 6.52
C GLY A 192 2.77 1.58 5.17
N GLY A 193 3.38 2.05 4.08
CA GLY A 193 2.95 1.62 2.76
C GLY A 193 3.18 0.14 2.52
N ILE A 194 4.33 -0.37 2.95
CA ILE A 194 4.60 -1.80 2.79
C ILE A 194 3.58 -2.62 3.57
N GLY A 195 3.21 -2.16 4.77
CA GLY A 195 2.24 -2.90 5.57
C GLY A 195 0.88 -2.97 4.89
N ILE A 196 0.46 -1.85 4.29
CA ILE A 196 -0.83 -1.82 3.60
C ILE A 196 -0.85 -2.87 2.49
N ILE A 197 0.17 -2.84 1.64
CA ILE A 197 0.24 -3.81 0.55
C ILE A 197 0.31 -5.22 1.11
N TRP A 198 1.07 -5.40 2.20
CA TRP A 198 1.23 -6.75 2.76
C TRP A 198 -0.07 -7.29 3.32
N SER A 199 -0.92 -6.44 3.88
CA SER A 199 -2.19 -6.91 4.41
C SER A 199 -3.05 -7.52 3.31
N LEU A 200 -3.27 -6.76 2.23
CA LEU A 200 -4.08 -7.27 1.13
C LEU A 200 -3.39 -8.45 0.44
N ILE A 201 -2.07 -8.41 0.30
CA ILE A 201 -1.34 -9.58 -0.19
C ILE A 201 -1.61 -10.77 0.72
N TRP A 202 -1.32 -10.61 2.01
CA TRP A 202 -1.54 -11.68 2.97
C TRP A 202 -3.02 -12.07 3.03
N PHE A 203 -3.93 -11.12 2.85
CA PHE A 203 -5.34 -11.42 2.97
C PHE A 203 -5.82 -12.42 1.93
N LYS A 204 -5.25 -12.37 0.72
CA LYS A 204 -5.76 -13.19 -0.37
C LYS A 204 -5.06 -14.53 -0.45
N VAL A 205 -3.85 -14.65 0.06
CA VAL A 205 -3.06 -15.87 -0.10
C VAL A 205 -3.26 -16.81 1.08
N TYR A 206 -3.26 -16.31 2.32
CA TYR A 206 -3.35 -17.18 3.47
C TYR A 206 -4.80 -17.57 3.74
N GLN A 207 -5.00 -18.83 4.11
CA GLN A 207 -6.32 -19.35 4.46
C GLN A 207 -6.12 -20.65 5.21
N PRO A 208 -7.14 -21.12 5.94
CA PRO A 208 -7.00 -22.38 6.71
C PRO A 208 -6.50 -23.52 5.83
N PRO A 209 -5.93 -24.57 6.43
CA PRO A 209 -5.32 -25.62 5.58
C PRO A 209 -6.27 -26.31 4.62
N ARG A 210 -7.44 -26.76 5.09
CA ARG A 210 -8.37 -27.43 4.18
C ARG A 210 -8.86 -26.48 3.10
N LEU A 211 -9.17 -25.25 3.47
CA LEU A 211 -9.71 -24.27 2.53
C LEU A 211 -8.61 -23.69 1.64
N THR A 212 -7.35 -23.94 1.96
CA THR A 212 -6.25 -23.51 1.09
C THR A 212 -6.35 -24.25 -0.23
N LYS A 213 -5.89 -23.61 -1.30
CA LYS A 213 -5.96 -24.20 -2.63
C LYS A 213 -5.30 -25.57 -2.66
N GLY A 214 -4.00 -25.63 -2.41
CA GLY A 214 -3.28 -26.89 -2.43
C GLY A 214 -3.01 -27.45 -1.04
N ILE A 215 -3.76 -28.47 -0.65
CA ILE A 215 -3.57 -29.14 0.63
C ILE A 215 -3.06 -30.56 0.38
N SER A 216 -2.00 -30.94 1.08
CA SER A 216 -1.45 -32.28 0.95
C SER A 216 -2.20 -33.24 1.86
N LYS A 217 -2.46 -34.45 1.35
CA LYS A 217 -3.17 -35.44 2.15
C LYS A 217 -2.37 -35.81 3.39
N ALA A 218 -1.05 -35.89 3.26
CA ALA A 218 -0.21 -36.24 4.41
C ALA A 218 0.07 -35.05 5.32
N GLU A 219 0.21 -33.85 4.76
CA GLU A 219 0.53 -32.69 5.58
C GLU A 219 -0.62 -32.36 6.53
N LEU A 220 -1.84 -32.26 6.00
CA LEU A 220 -2.97 -31.89 6.84
C LEU A 220 -3.11 -32.87 8.00
N ASP A 221 -2.94 -34.17 7.73
CA ASP A 221 -2.93 -35.14 8.81
C ASP A 221 -1.67 -34.98 9.66
N TYR A 222 -0.53 -34.74 9.02
CA TYR A 222 0.70 -34.47 9.75
C TYR A 222 0.53 -33.27 10.67
N ILE A 223 -0.11 -32.19 10.19
CA ILE A 223 -0.34 -31.01 11.01
C ILE A 223 -1.30 -31.34 12.15
N ARG A 224 -2.31 -32.15 11.87
CA ARG A 224 -3.35 -32.44 12.85
C ARG A 224 -2.89 -33.46 13.89
N ASP A 225 -2.05 -34.42 13.50
CA ASP A 225 -1.65 -35.46 14.43
C ASP A 225 -0.95 -34.88 15.66
N GLY A 226 -0.35 -33.69 15.53
CA GLY A 226 0.23 -33.00 16.66
C GLY A 226 -0.75 -32.11 17.39
N GLY A 227 -1.89 -31.82 16.76
CA GLY A 227 -2.90 -30.98 17.36
C GLY A 227 -3.22 -29.75 16.52
N GLY A 228 -3.04 -29.86 15.21
CA GLY A 228 -3.28 -28.74 14.32
C GLY A 228 -4.63 -28.75 13.66
N LEU A 229 -5.56 -28.01 14.25
CA LEU A 229 -6.93 -27.88 13.78
C LEU A 229 -7.20 -26.46 13.33
N VAL A 230 -8.24 -26.31 12.50
CA VAL A 230 -8.64 -25.00 11.99
C VAL A 230 -9.05 -24.09 13.13
N PRO A 243 -20.50 -16.34 24.89
CA PRO A 243 -20.29 -15.15 25.72
C PRO A 243 -19.28 -15.41 26.84
N LEU A 244 -18.84 -14.34 27.52
CA LEU A 244 -17.87 -14.47 28.58
C LEU A 244 -18.49 -15.18 29.78
N THR A 245 -17.86 -16.26 30.23
CA THR A 245 -18.33 -17.04 31.37
C THR A 245 -17.62 -16.60 32.64
N ALA A 246 -18.39 -16.43 33.72
CA ALA A 246 -17.78 -16.05 35.00
C ALA A 246 -16.76 -17.09 35.44
N LYS A 247 -17.14 -18.37 35.37
CA LYS A 247 -16.22 -19.45 35.73
C LYS A 247 -14.93 -19.33 34.93
N ASP A 248 -15.04 -19.26 33.60
CA ASP A 248 -13.86 -19.19 32.77
C ASP A 248 -13.05 -17.93 33.07
N TRP A 249 -13.73 -16.84 33.43
CA TRP A 249 -13.03 -15.59 33.73
C TRP A 249 -12.04 -15.80 34.86
N LYS A 250 -12.46 -16.50 35.92
CA LYS A 250 -11.58 -16.79 37.05
C LYS A 250 -10.61 -17.94 36.80
N LEU A 251 -10.90 -18.83 35.87
CA LEU A 251 -9.99 -19.96 35.65
C LEU A 251 -8.76 -19.52 34.88
N VAL A 252 -8.92 -18.60 33.91
CA VAL A 252 -7.76 -18.18 33.12
C VAL A 252 -6.70 -17.59 34.05
N PHE A 253 -7.11 -16.99 35.16
CA PHE A 253 -6.19 -16.39 36.10
C PHE A 253 -5.68 -17.44 37.09
N HIS A 254 -5.53 -18.68 36.62
CA HIS A 254 -5.17 -19.80 37.49
C HIS A 254 -3.69 -19.71 37.87
N ARG A 255 -3.30 -20.53 38.86
CA ARG A 255 -1.91 -20.57 39.28
C ARG A 255 -0.99 -21.00 38.14
N LYS A 256 -1.43 -21.98 37.33
CA LYS A 256 -0.56 -22.47 36.27
C LYS A 256 -0.32 -21.38 35.22
N LEU A 257 -1.37 -20.64 34.84
CA LEU A 257 -1.22 -19.58 33.86
C LEU A 257 -0.66 -18.30 34.48
N ILE A 258 -0.95 -18.05 35.76
CA ILE A 258 -0.42 -16.85 36.42
C ILE A 258 1.10 -16.90 36.47
N GLY A 259 1.66 -18.05 36.89
CA GLY A 259 3.10 -18.18 36.92
C GLY A 259 3.73 -18.03 35.55
N VAL A 260 2.99 -18.36 34.50
CA VAL A 260 3.48 -18.17 33.14
C VAL A 260 3.33 -16.72 32.70
N TYR A 261 2.25 -16.06 33.13
CA TYR A 261 2.06 -14.65 32.82
C TYR A 261 3.22 -13.84 33.38
N LEU A 262 3.57 -14.07 34.65
CA LEU A 262 4.67 -13.36 35.28
C LEU A 262 6.00 -13.67 34.60
N GLY A 263 6.12 -14.86 33.98
CA GLY A 263 7.37 -15.22 33.32
C GLY A 263 7.76 -14.27 32.21
N GLN A 264 6.81 -13.93 31.34
CA GLN A 264 7.11 -13.04 30.23
C GLN A 264 7.23 -11.58 30.68
N PHE A 265 6.66 -11.22 31.83
CA PHE A 265 6.86 -9.89 32.38
C PHE A 265 8.35 -9.57 32.52
N ALA A 266 9.18 -10.60 32.69
CA ALA A 266 10.63 -10.44 32.79
C ALA A 266 11.35 -10.74 31.48
N VAL A 267 10.66 -11.30 30.49
CA VAL A 267 11.30 -11.67 29.23
C VAL A 267 11.14 -10.56 28.20
N ALA A 268 9.90 -10.18 27.89
CA ALA A 268 9.68 -9.13 26.90
C ALA A 268 10.17 -7.77 27.36
N SER A 269 10.35 -7.57 28.66
CA SER A 269 10.68 -6.24 29.16
C SER A 269 12.05 -5.80 28.66
N THR A 270 13.05 -6.69 28.74
CA THR A 270 14.40 -6.30 28.36
C THR A 270 14.46 -5.81 26.92
N LEU A 271 13.56 -6.30 26.06
CA LEU A 271 13.55 -5.89 24.66
C LEU A 271 12.99 -4.49 24.48
N TRP A 272 12.17 -4.01 25.41
CA TRP A 272 11.50 -2.73 25.23
C TRP A 272 12.35 -1.55 25.67
N PHE A 273 13.47 -1.77 26.38
CA PHE A 273 14.41 -0.67 26.59
C PHE A 273 14.89 -0.15 25.24
N PHE A 274 15.35 -1.08 24.39
CA PHE A 274 15.89 -0.74 23.09
C PHE A 274 14.84 -0.17 22.16
N LEU A 275 13.58 -0.52 22.37
CA LEU A 275 12.52 -0.06 21.47
C LEU A 275 12.15 1.39 21.72
N THR A 276 12.01 1.78 22.99
CA THR A 276 11.39 3.06 23.30
C THR A 276 12.28 4.04 24.05
N TRP A 277 12.45 3.82 25.35
CA TRP A 277 12.81 4.91 26.24
C TRP A 277 14.31 5.22 26.24
N PHE A 278 15.16 4.19 26.29
CA PHE A 278 16.55 4.36 26.66
C PHE A 278 17.48 3.59 25.72
N PRO A 279 17.77 4.15 24.53
CA PRO A 279 18.95 3.70 23.78
C PRO A 279 20.19 4.47 24.23
N ASN A 280 20.00 5.76 24.53
CA ASN A 280 21.06 6.64 24.99
C ASN A 280 20.44 7.97 25.42
N TYR A 281 20.50 8.28 26.73
CA TYR A 281 19.73 9.40 27.28
C TYR A 281 20.58 10.31 28.15
N LEU A 282 20.84 9.92 29.39
CA LEU A 282 21.54 10.76 30.37
C LEU A 282 22.76 10.05 30.93
N THR A 283 23.70 10.87 31.43
CA THR A 283 24.94 10.36 32.02
C THR A 283 25.72 9.52 31.02
N GLN A 284 25.70 9.95 29.75
CA GLN A 284 26.21 9.15 28.64
C GLN A 284 27.72 9.13 28.53
N GLU A 285 28.44 9.96 29.29
CA GLU A 285 29.90 9.96 29.20
C GLU A 285 30.50 8.74 29.88
N LYS A 286 29.95 8.35 31.03
CA LYS A 286 30.45 7.21 31.79
C LYS A 286 29.39 6.12 31.92
N GLY A 287 28.64 5.91 30.84
CA GLY A 287 27.78 4.75 30.71
C GLY A 287 28.50 3.63 29.98
N ILE A 288 28.90 3.89 28.74
CA ILE A 288 29.60 2.89 27.94
C ILE A 288 31.03 3.37 27.66
N THR A 289 31.36 3.58 26.39
CA THR A 289 32.64 4.14 25.95
C THR A 289 33.18 5.16 26.95
N PHE A 295 27.23 0.38 16.68
CA PHE A 295 27.90 -0.79 17.26
C PHE A 295 27.17 -1.37 18.47
N MET A 296 26.58 -0.52 19.30
CA MET A 296 25.76 -0.99 20.42
C MET A 296 24.35 -1.35 19.97
N THR A 297 23.98 -0.98 18.74
CA THR A 297 22.64 -1.21 18.24
C THR A 297 22.53 -2.53 17.48
N THR A 298 23.65 -3.25 17.31
CA THR A 298 23.65 -4.53 16.63
C THR A 298 24.16 -5.70 17.47
N VAL A 299 24.88 -5.46 18.55
CA VAL A 299 25.49 -6.57 19.29
C VAL A 299 24.45 -7.41 20.02
N PRO A 300 23.70 -6.86 20.97
CA PRO A 300 22.71 -7.71 21.68
C PRO A 300 21.65 -8.30 20.77
N PHE A 301 21.31 -7.62 19.67
CA PHE A 301 20.26 -8.11 18.77
C PHE A 301 20.70 -9.27 17.88
N LEU A 302 22.00 -9.57 17.80
CA LEU A 302 22.44 -10.80 17.16
C LEU A 302 22.46 -11.97 18.15
N ALA A 303 23.01 -11.74 19.34
CA ALA A 303 23.05 -12.78 20.36
C ALA A 303 21.65 -13.33 20.62
N ALA A 304 20.65 -12.45 20.64
CA ALA A 304 19.28 -12.93 20.78
C ALA A 304 18.79 -13.56 19.48
N PHE A 305 19.22 -13.04 18.33
CA PHE A 305 18.82 -13.62 17.06
C PHE A 305 19.10 -15.12 17.03
N VAL A 306 20.36 -15.50 17.24
CA VAL A 306 20.68 -16.92 17.35
C VAL A 306 20.18 -17.48 18.68
N GLY A 307 20.02 -16.64 19.70
CA GLY A 307 19.51 -17.12 20.96
C GLY A 307 18.11 -17.69 20.83
N VAL A 308 17.19 -16.92 20.25
CA VAL A 308 15.84 -17.42 20.03
C VAL A 308 15.87 -18.54 19.00
N LEU A 309 16.81 -18.46 18.03
CA LEU A 309 16.84 -19.43 16.95
C LEU A 309 17.27 -20.81 17.45
N LEU A 310 18.43 -20.90 18.09
CA LEU A 310 18.89 -22.19 18.60
C LEU A 310 18.05 -22.67 19.78
N SER A 311 17.61 -21.73 20.63
CA SER A 311 16.78 -22.12 21.77
C SER A 311 15.47 -22.74 21.29
N GLY A 312 14.85 -22.13 20.28
CA GLY A 312 13.68 -22.75 19.68
C GLY A 312 14.02 -24.08 19.05
N TRP A 313 15.26 -24.24 18.58
CA TRP A 313 15.71 -25.50 18.02
C TRP A 313 16.14 -26.50 19.08
N VAL A 314 16.77 -26.02 20.16
CA VAL A 314 17.16 -26.93 21.23
C VAL A 314 15.93 -27.52 21.90
N ALA A 315 14.99 -26.66 22.29
CA ALA A 315 13.73 -27.15 22.83
C ALA A 315 13.01 -28.03 21.82
N ASP A 316 13.19 -27.75 20.53
CA ASP A 316 12.54 -28.55 19.48
C ASP A 316 13.11 -29.96 19.43
N LEU A 317 14.43 -30.11 19.55
CA LEU A 317 15.03 -31.44 19.51
C LEU A 317 14.81 -32.17 20.82
N LEU A 318 14.96 -31.47 21.94
CA LEU A 318 14.78 -32.09 23.25
C LEU A 318 13.38 -32.68 23.39
N VAL A 319 12.37 -32.00 22.87
CA VAL A 319 10.99 -32.42 23.09
C VAL A 319 10.69 -33.70 22.34
N ARG A 320 11.24 -33.87 21.14
CA ARG A 320 10.99 -35.11 20.40
C ARG A 320 11.66 -36.31 21.07
N LYS A 321 12.66 -36.07 21.92
CA LYS A 321 13.27 -37.14 22.68
C LYS A 321 12.43 -37.42 23.93
N GLY A 322 12.90 -38.35 24.76
CA GLY A 322 12.15 -38.77 25.94
C GLY A 322 11.98 -37.73 27.03
N PHE A 323 11.69 -36.49 26.64
CA PHE A 323 11.44 -35.41 27.59
C PHE A 323 10.02 -34.87 27.43
N SER A 324 9.51 -34.27 28.50
CA SER A 324 8.15 -33.73 28.49
C SER A 324 8.07 -32.54 27.53
N LEU A 325 6.82 -32.18 27.18
CA LEU A 325 6.63 -31.04 26.29
C LEU A 325 6.98 -29.73 27.00
N GLY A 326 6.60 -29.61 28.27
CA GLY A 326 6.97 -28.44 29.04
C GLY A 326 8.45 -28.40 29.34
N PHE A 327 9.01 -29.53 29.77
CA PHE A 327 10.41 -29.57 30.18
C PHE A 327 11.35 -29.23 29.03
N ALA A 328 10.94 -29.48 27.77
CA ALA A 328 11.81 -29.18 26.65
C ALA A 328 11.92 -27.67 26.41
N ARG A 329 10.86 -26.93 26.73
CA ARG A 329 10.83 -25.48 26.59
C ARG A 329 11.01 -24.77 27.92
N LYS A 330 10.59 -25.42 29.01
CA LYS A 330 10.81 -24.86 30.34
C LYS A 330 12.29 -24.74 30.66
N THR A 331 13.05 -25.80 30.38
CA THR A 331 14.49 -25.82 30.70
C THR A 331 15.20 -24.63 30.06
N PRO A 332 15.11 -24.42 28.75
CA PRO A 332 15.79 -23.25 28.15
C PRO A 332 15.23 -21.92 28.63
N ILE A 333 14.08 -21.91 29.30
CA ILE A 333 13.54 -20.67 29.84
C ILE A 333 14.13 -20.38 31.21
N ILE A 334 14.30 -21.42 32.04
CA ILE A 334 14.82 -21.21 33.38
C ILE A 334 16.28 -20.77 33.31
N CYS A 335 17.14 -21.59 32.70
CA CYS A 335 18.55 -21.23 32.61
C CYS A 335 18.72 -19.93 31.84
N GLY A 336 17.90 -19.71 30.82
CA GLY A 336 17.98 -18.46 30.08
C GLY A 336 17.72 -17.27 30.97
N LEU A 337 16.61 -17.29 31.70
CA LEU A 337 16.32 -16.24 32.67
C LEU A 337 17.42 -16.17 33.72
N LEU A 338 18.05 -17.31 34.03
CA LEU A 338 19.23 -17.29 34.89
C LEU A 338 20.42 -16.66 34.18
N ILE A 339 20.55 -16.91 32.88
CA ILE A 339 21.60 -16.24 32.11
C ILE A 339 21.27 -14.75 31.97
N SER A 340 19.98 -14.41 31.93
CA SER A 340 19.59 -13.00 31.82
C SER A 340 20.14 -12.18 32.98
N THR A 341 20.40 -12.81 34.13
CA THR A 341 20.97 -12.14 35.29
C THR A 341 22.46 -11.89 35.15
N CYS A 342 23.09 -12.33 34.06
CA CYS A 342 24.53 -12.16 33.87
C CYS A 342 24.93 -10.70 33.70
N ILE A 343 24.01 -9.82 33.33
CA ILE A 343 24.35 -8.41 33.17
C ILE A 343 24.79 -7.76 34.47
N MET A 344 24.37 -8.30 35.62
CA MET A 344 24.72 -7.67 36.90
C MET A 344 26.23 -7.55 37.08
N GLY A 345 27.01 -8.43 36.45
CA GLY A 345 28.45 -8.45 36.56
C GLY A 345 29.23 -7.41 35.78
N ALA A 346 28.55 -6.57 34.99
CA ALA A 346 29.25 -5.57 34.21
C ALA A 346 29.86 -4.45 35.05
N ASN A 347 29.38 -4.25 36.27
CA ASN A 347 29.84 -3.14 37.09
C ASN A 347 31.11 -3.46 37.88
N TYR A 348 31.58 -4.71 37.86
CA TYR A 348 32.77 -5.06 38.63
C TYR A 348 34.06 -4.51 38.03
N THR A 349 34.03 -4.08 36.78
CA THR A 349 35.23 -3.57 36.13
C THR A 349 35.27 -2.07 35.99
N ASN A 350 34.15 -1.43 35.61
CA ASN A 350 34.09 0.02 35.47
C ASN A 350 35.21 0.56 34.59
N ASP A 351 35.90 -0.33 33.89
CA ASP A 351 37.02 -0.02 33.01
C ASP A 351 36.74 -0.55 31.61
N PRO A 352 37.33 0.04 30.57
CA PRO A 352 37.04 -0.43 29.21
C PRO A 352 37.39 -1.90 28.97
N MET A 353 36.70 -2.77 29.72
CA MET A 353 36.85 -4.22 29.61
C MET A 353 35.84 -4.74 28.57
N MET A 354 35.88 -6.06 28.33
CA MET A 354 34.96 -6.77 27.46
C MET A 354 33.58 -6.89 28.09
N ILE A 355 33.01 -5.78 28.54
CA ILE A 355 31.62 -5.76 29.01
C ILE A 355 30.69 -6.17 27.88
N MET A 356 30.97 -5.70 26.66
CA MET A 356 30.10 -5.98 25.52
C MET A 356 29.89 -7.47 25.31
N CYS A 357 30.87 -8.32 25.64
CA CYS A 357 30.68 -9.76 25.51
C CYS A 357 29.62 -10.26 26.49
N LEU A 358 29.80 -9.97 27.78
CA LEU A 358 28.82 -10.37 28.77
C LEU A 358 27.51 -9.61 28.62
N MET A 359 27.54 -8.46 27.94
CA MET A 359 26.30 -7.77 27.61
C MET A 359 25.50 -8.57 26.58
N ALA A 360 26.18 -9.08 25.55
CA ALA A 360 25.52 -9.94 24.57
C ALA A 360 25.11 -11.26 25.17
N LEU A 361 25.89 -11.78 26.13
CA LEU A 361 25.52 -13.03 26.80
C LEU A 361 24.29 -12.84 27.67
N ALA A 362 24.19 -11.71 28.37
CA ALA A 362 22.99 -11.45 29.15
C ALA A 362 21.77 -11.29 28.25
N PHE A 363 21.93 -10.57 27.14
CA PHE A 363 20.86 -10.44 26.17
C PHE A 363 20.62 -11.75 25.42
N PHE A 364 21.64 -12.62 25.34
CA PHE A 364 21.44 -13.94 24.75
C PHE A 364 20.54 -14.80 25.62
N GLY A 365 20.66 -14.66 26.94
CA GLY A 365 19.80 -15.44 27.83
C GLY A 365 18.35 -15.06 27.67
N ASN A 366 18.07 -13.78 27.42
CA ASN A 366 16.71 -13.35 27.17
C ASN A 366 16.21 -13.92 25.84
N GLY A 367 17.03 -13.80 24.79
CA GLY A 367 16.66 -14.42 23.53
C GLY A 367 16.59 -15.93 23.65
N PHE A 368 17.61 -16.54 24.28
CA PHE A 368 17.58 -17.98 24.48
C PHE A 368 16.34 -18.39 25.26
N ALA A 369 15.85 -17.53 26.16
CA ALA A 369 14.61 -17.75 26.88
C ALA A 369 13.47 -16.89 26.34
N SER A 370 13.53 -16.55 25.06
CA SER A 370 12.51 -15.71 24.44
C SER A 370 11.37 -16.52 23.86
N ILE A 371 11.45 -17.85 23.93
CA ILE A 371 10.36 -18.70 23.46
C ILE A 371 9.47 -18.99 24.66
N THR A 372 9.44 -18.06 25.62
CA THR A 372 8.63 -18.25 26.81
C THR A 372 7.15 -18.35 26.48
N TRP A 373 6.73 -17.82 25.34
CA TRP A 373 5.34 -17.88 24.92
C TRP A 373 5.05 -19.05 23.98
N SER A 374 6.05 -19.88 23.67
CA SER A 374 5.80 -21.02 22.80
C SER A 374 4.91 -22.06 23.47
N LEU A 375 4.83 -22.04 24.80
CA LEU A 375 4.03 -22.99 25.55
C LEU A 375 2.71 -22.41 26.05
N VAL A 376 2.49 -21.09 25.90
CA VAL A 376 1.26 -20.49 26.39
C VAL A 376 0.06 -21.07 25.67
N SER A 377 0.22 -21.41 24.39
CA SER A 377 -0.88 -22.01 23.63
C SER A 377 -1.25 -23.37 24.20
N SER A 378 -0.28 -24.09 24.77
CA SER A 378 -0.55 -25.41 25.31
C SER A 378 -1.31 -25.34 26.63
N LEU A 379 -0.77 -24.59 27.60
CA LEU A 379 -1.42 -24.52 28.91
C LEU A 379 -2.79 -23.86 28.83
N ALA A 380 -2.98 -22.92 27.91
CA ALA A 380 -4.25 -22.21 27.82
C ALA A 380 -5.36 -23.16 27.36
N PRO A 381 -6.58 -23.01 27.88
CA PRO A 381 -7.67 -23.89 27.45
C PRO A 381 -7.99 -23.69 25.98
N MET A 382 -8.55 -24.74 25.37
CA MET A 382 -8.94 -24.67 23.96
C MET A 382 -9.98 -23.60 23.71
N ARG A 383 -10.86 -23.35 24.69
CA ARG A 383 -11.91 -22.36 24.51
C ARG A 383 -11.33 -20.96 24.45
N LEU A 384 -10.36 -20.66 25.31
CA LEU A 384 -9.82 -19.32 25.46
C LEU A 384 -8.34 -19.34 25.08
N ILE A 385 -8.10 -19.47 23.76
CA ILE A 385 -6.73 -19.39 23.25
C ILE A 385 -6.36 -17.93 23.01
N GLY A 386 -7.32 -17.10 22.59
CA GLY A 386 -7.02 -15.71 22.30
C GLY A 386 -6.86 -14.89 23.55
N LEU A 387 -7.72 -15.14 24.55
CA LEU A 387 -7.65 -14.34 25.77
C LEU A 387 -6.36 -14.59 26.52
N THR A 388 -5.94 -15.86 26.64
CA THR A 388 -4.68 -16.17 27.31
C THR A 388 -3.51 -15.52 26.61
N GLY A 389 -3.51 -15.51 25.28
CA GLY A 389 -2.44 -14.84 24.56
C GLY A 389 -2.38 -13.37 24.85
N GLY A 390 -3.53 -12.74 25.07
CA GLY A 390 -3.58 -11.34 25.43
C GLY A 390 -3.12 -11.11 26.85
N VAL A 391 -3.76 -11.79 27.81
CA VAL A 391 -3.36 -11.66 29.21
C VAL A 391 -1.90 -12.03 29.40
N PHE A 392 -1.37 -12.91 28.54
CA PHE A 392 0.03 -13.31 28.62
C PHE A 392 0.94 -12.11 28.36
N ASN A 393 1.00 -11.64 27.13
CA ASN A 393 1.84 -10.48 26.84
C ASN A 393 1.35 -9.25 27.59
N PHE A 394 0.08 -9.23 28.01
CA PHE A 394 -0.38 -8.15 28.89
C PHE A 394 0.50 -8.05 30.12
N ALA A 395 1.19 -9.14 30.48
CA ALA A 395 2.21 -9.12 31.51
C ALA A 395 3.58 -8.86 30.91
N GLY A 396 3.86 -9.42 29.73
CA GLY A 396 5.13 -9.16 29.06
C GLY A 396 5.24 -7.75 28.53
N GLY A 397 4.25 -7.31 27.75
CA GLY A 397 4.25 -5.93 27.29
C GLY A 397 4.24 -4.95 28.44
N LEU A 398 3.49 -5.26 29.50
CA LEU A 398 3.53 -4.45 30.71
C LEU A 398 4.95 -4.36 31.27
N GLY A 399 5.70 -5.47 31.21
CA GLY A 399 7.10 -5.43 31.56
C GLY A 399 7.87 -4.43 30.74
N GLY A 400 7.51 -4.27 29.47
CA GLY A 400 8.08 -3.23 28.63
C GLY A 400 7.62 -1.84 28.96
N ILE A 401 6.70 -1.69 29.92
CA ILE A 401 6.24 -0.37 30.34
C ILE A 401 6.68 -0.02 31.76
N THR A 402 6.78 -1.00 32.65
CA THR A 402 7.16 -0.76 34.04
C THR A 402 8.66 -0.93 34.28
N VAL A 403 9.28 -1.95 33.69
CA VAL A 403 10.70 -2.18 33.90
C VAL A 403 11.50 -1.01 33.37
N PRO A 404 11.24 -0.47 32.18
CA PRO A 404 11.99 0.74 31.75
C PRO A 404 11.77 1.91 32.68
N LEU A 405 10.57 2.03 33.27
CA LEU A 405 10.31 3.13 34.18
C LEU A 405 11.11 2.99 35.46
N VAL A 406 11.31 1.76 35.92
CA VAL A 406 12.09 1.54 37.14
C VAL A 406 13.56 1.86 36.89
N VAL A 407 14.11 1.35 35.79
CA VAL A 407 15.52 1.60 35.48
C VAL A 407 15.80 3.09 35.42
N GLY A 408 14.85 3.87 34.94
CA GLY A 408 14.97 5.30 34.86
C GLY A 408 14.81 6.00 36.19
N TYR A 409 13.87 5.51 37.00
CA TYR A 409 13.57 6.14 38.28
C TYR A 409 14.76 6.15 39.23
N LEU A 410 15.63 5.16 39.15
CA LEU A 410 16.79 5.09 40.04
C LEU A 410 18.07 5.59 39.41
N ALA A 411 18.12 5.76 38.09
CA ALA A 411 19.37 6.22 37.47
C ALA A 411 19.68 7.67 37.79
N GLN A 412 18.65 8.51 38.00
CA GLN A 412 18.92 9.90 38.34
C GLN A 412 19.37 10.04 39.79
N GLY A 413 18.62 9.44 40.72
CA GLY A 413 18.93 9.60 42.13
C GLY A 413 20.05 8.72 42.63
N TYR A 414 20.21 7.53 42.05
CA TYR A 414 21.19 6.56 42.50
C TYR A 414 22.24 6.35 41.41
N GLY A 415 21.91 5.55 40.40
CA GLY A 415 22.85 5.32 39.31
C GLY A 415 22.44 4.13 38.48
N PHE A 416 23.41 3.58 37.75
CA PHE A 416 23.18 2.43 36.89
C PHE A 416 23.31 1.12 37.65
N ALA A 417 24.12 1.08 38.71
CA ALA A 417 24.32 -0.15 39.46
C ALA A 417 23.02 -0.73 40.00
N PRO A 418 22.12 0.06 40.60
CA PRO A 418 20.83 -0.51 41.02
C PRO A 418 19.94 -0.92 39.85
N ALA A 419 20.22 -0.42 38.65
CA ALA A 419 19.43 -0.82 37.49
C ALA A 419 19.83 -2.20 37.00
N LEU A 420 21.12 -2.53 37.08
CA LEU A 420 21.57 -3.84 36.63
C LEU A 420 21.10 -4.95 37.55
N VAL A 421 21.05 -4.67 38.86
CA VAL A 421 20.56 -5.68 39.80
C VAL A 421 19.06 -5.85 39.68
N TYR A 422 18.33 -4.78 39.35
CA TYR A 422 16.90 -4.90 39.18
C TYR A 422 16.56 -5.78 37.99
N ILE A 423 17.20 -5.53 36.84
CA ILE A 423 17.00 -6.38 35.67
C ILE A 423 17.34 -7.83 35.99
N SER A 424 18.40 -8.04 36.76
CA SER A 424 18.73 -9.39 37.23
C SER A 424 17.70 -9.88 38.23
N ALA A 425 17.19 -8.98 39.08
CA ALA A 425 16.15 -9.35 40.02
C ALA A 425 14.87 -9.76 39.28
N VAL A 426 14.44 -8.92 38.33
CA VAL A 426 13.27 -9.28 37.54
C VAL A 426 13.51 -10.58 36.78
N ALA A 427 14.74 -10.78 36.28
CA ALA A 427 15.07 -12.04 35.63
C ALA A 427 15.09 -13.19 36.63
N LEU A 428 15.67 -12.97 37.82
CA LEU A 428 15.63 -14.00 38.85
C LEU A 428 14.21 -14.22 39.35
N ILE A 429 13.47 -13.14 39.61
CA ILE A 429 12.06 -13.28 39.98
C ILE A 429 11.30 -13.97 38.86
N GLY A 430 11.61 -13.62 37.60
CA GLY A 430 10.99 -14.32 36.49
C GLY A 430 11.32 -15.79 36.48
N ALA A 431 12.61 -16.11 36.60
CA ALA A 431 13.02 -17.51 36.70
C ALA A 431 12.43 -18.17 37.94
N LEU A 432 12.59 -17.53 39.10
CA LEU A 432 12.08 -18.09 40.35
C LEU A 432 10.57 -18.31 40.29
N SER A 433 9.83 -17.29 39.83
CA SER A 433 8.38 -17.44 39.72
C SER A 433 8.02 -18.52 38.70
N TYR A 434 8.90 -18.77 37.74
CA TYR A 434 8.65 -19.79 36.72
C TYR A 434 8.87 -21.19 37.28
N ILE A 435 10.08 -21.47 37.77
CA ILE A 435 10.40 -22.81 38.24
C ILE A 435 9.43 -23.29 39.30
N LEU A 436 8.86 -22.38 40.09
CA LEU A 436 7.95 -22.77 41.15
C LEU A 436 6.53 -22.94 40.62
N LEU A 437 6.02 -21.95 39.90
CA LEU A 437 4.66 -21.97 39.39
C LEU A 437 4.58 -22.35 37.92
N VAL A 438 5.65 -22.89 37.34
CA VAL A 438 5.60 -23.30 35.94
C VAL A 438 4.39 -24.21 35.72
N GLY A 439 4.28 -25.26 36.53
CA GLY A 439 3.20 -26.22 36.38
C GLY A 439 3.19 -26.72 34.95
N ASP A 440 3.65 -27.93 34.70
CA ASP A 440 3.86 -28.37 33.33
C ASP A 440 2.55 -28.85 32.73
N VAL A 441 2.37 -28.55 31.44
CA VAL A 441 1.19 -28.89 30.66
C VAL A 441 -0.06 -29.02 31.51
N LYS A 442 -0.84 -27.94 31.58
CA LYS A 442 -2.16 -27.96 32.23
C LYS A 442 -3.26 -28.25 31.19
N LYS B 24 1.01 39.00 -6.76
CA LYS B 24 1.23 37.72 -7.45
C LYS B 24 -0.06 36.89 -7.46
N PRO B 25 -0.21 36.00 -8.46
CA PRO B 25 -1.42 35.17 -8.53
C PRO B 25 -1.42 33.96 -7.59
N GLY B 26 -2.42 33.11 -7.75
CA GLY B 26 -2.53 31.90 -6.94
C GLY B 26 -1.40 30.93 -7.21
N ARG B 27 -0.93 30.28 -6.13
CA ARG B 27 0.18 29.34 -6.23
C ARG B 27 -0.16 27.90 -5.89
N ARG B 28 -1.17 27.64 -5.06
CA ARG B 28 -1.50 26.27 -4.67
C ARG B 28 -2.37 25.52 -5.69
N ARG B 29 -3.12 26.22 -6.54
CA ARG B 29 -3.99 25.52 -7.47
C ARG B 29 -3.21 24.53 -8.33
N TYR B 30 -1.97 24.88 -8.69
CA TYR B 30 -1.18 24.02 -9.58
C TYR B 30 -0.75 22.72 -8.91
N LEU B 31 -0.71 22.67 -7.57
CA LEU B 31 -0.32 21.45 -6.88
C LEU B 31 -1.33 20.33 -7.09
N THR B 32 -2.61 20.62 -6.89
CA THR B 32 -3.64 19.60 -7.12
C THR B 32 -3.59 19.09 -8.55
N LEU B 33 -3.18 19.94 -9.50
CA LEU B 33 -3.01 19.44 -10.86
C LEU B 33 -1.96 18.34 -10.89
N VAL B 34 -0.89 18.49 -10.10
CA VAL B 34 0.15 17.46 -10.07
C VAL B 34 -0.39 16.16 -9.49
N MET B 35 -1.17 16.24 -8.41
CA MET B 35 -1.74 15.01 -7.85
C MET B 35 -2.54 14.26 -8.90
N ILE B 36 -3.26 14.98 -9.77
CA ILE B 36 -3.96 14.32 -10.87
C ILE B 36 -2.95 13.69 -11.82
N PHE B 37 -1.92 14.44 -12.18
CA PHE B 37 -0.87 13.89 -13.04
C PHE B 37 -0.33 12.59 -12.47
N ILE B 38 -0.11 12.55 -11.15
CA ILE B 38 0.34 11.30 -10.54
C ILE B 38 -0.75 10.24 -10.66
N THR B 39 -2.01 10.62 -10.43
CA THR B 39 -3.09 9.64 -10.49
C THR B 39 -3.30 9.12 -11.90
N VAL B 40 -3.32 10.01 -12.90
CA VAL B 40 -3.52 9.55 -14.26
C VAL B 40 -2.38 8.64 -14.70
N VAL B 41 -1.16 8.91 -14.23
CA VAL B 41 -0.04 8.03 -14.54
C VAL B 41 -0.28 6.65 -13.93
N ILE B 42 -0.51 6.61 -12.62
CA ILE B 42 -0.80 5.35 -11.95
C ILE B 42 -1.99 4.66 -12.62
N CYS B 43 -2.96 5.44 -13.09
CA CYS B 43 -4.13 4.85 -13.73
C CYS B 43 -3.77 4.24 -15.10
N TYR B 44 -2.88 4.89 -15.86
CA TYR B 44 -2.51 4.38 -17.17
C TYR B 44 -1.41 3.33 -17.10
N VAL B 45 -0.63 3.30 -16.03
CA VAL B 45 0.34 2.22 -15.84
C VAL B 45 -0.39 0.92 -15.55
N ASP B 46 -1.45 0.98 -14.73
CA ASP B 46 -2.23 -0.21 -14.46
C ASP B 46 -3.04 -0.68 -15.65
N ARG B 47 -3.17 0.14 -16.69
CA ARG B 47 -3.83 -0.32 -17.91
C ARG B 47 -2.85 -1.08 -18.80
N ALA B 48 -1.60 -0.61 -18.88
CA ALA B 48 -0.61 -1.18 -19.77
C ALA B 48 0.32 -2.17 -19.07
N ASN B 49 0.28 -2.25 -17.73
CA ASN B 49 1.09 -3.24 -17.04
C ASN B 49 0.73 -4.65 -17.49
N LEU B 50 -0.54 -4.88 -17.86
CA LEU B 50 -0.96 -6.20 -18.31
C LEU B 50 -0.32 -6.56 -19.65
N ALA B 51 -0.15 -5.57 -20.54
CA ALA B 51 0.49 -5.85 -21.81
C ALA B 51 1.92 -6.32 -21.62
N VAL B 52 2.62 -5.77 -20.63
CA VAL B 52 3.98 -6.21 -20.34
C VAL B 52 3.98 -7.65 -19.83
N ALA B 53 3.21 -7.91 -18.78
CA ALA B 53 3.15 -9.25 -18.20
C ALA B 53 2.33 -10.21 -19.05
N SER B 54 1.72 -9.74 -20.13
CA SER B 54 0.96 -10.61 -21.01
C SER B 54 1.84 -11.64 -21.71
N ALA B 55 3.16 -11.53 -21.58
CA ALA B 55 4.09 -12.46 -22.21
C ALA B 55 4.49 -13.64 -21.32
N HIS B 56 4.07 -13.68 -20.06
CA HIS B 56 4.45 -14.78 -19.16
C HIS B 56 3.29 -15.53 -18.54
N ILE B 57 2.13 -14.90 -18.35
CA ILE B 57 1.01 -15.57 -17.69
C ILE B 57 0.40 -16.62 -18.61
N GLN B 58 0.33 -16.33 -19.93
CA GLN B 58 -0.29 -17.26 -20.86
C GLN B 58 0.43 -18.60 -20.83
N GLU B 59 1.76 -18.59 -20.70
CA GLU B 59 2.50 -19.86 -20.68
C GLU B 59 2.23 -20.59 -19.38
N GLU B 60 2.10 -19.84 -18.28
CA GLU B 60 1.91 -20.46 -16.97
C GLU B 60 0.51 -21.07 -16.86
N PHE B 61 -0.52 -20.29 -17.21
CA PHE B 61 -1.89 -20.78 -17.15
C PHE B 61 -2.27 -21.60 -18.39
N GLY B 62 -1.37 -21.72 -19.36
CA GLY B 62 -1.64 -22.45 -20.58
C GLY B 62 -2.78 -21.89 -21.40
N ILE B 63 -3.12 -20.62 -21.22
CA ILE B 63 -4.19 -20.01 -21.99
C ILE B 63 -3.66 -19.56 -23.35
N THR B 64 -4.56 -19.44 -24.31
CA THR B 64 -4.15 -18.98 -25.63
C THR B 64 -4.03 -17.46 -25.65
N LYS B 65 -3.26 -16.97 -26.62
CA LYS B 65 -3.04 -15.53 -26.76
C LYS B 65 -4.34 -14.79 -26.99
N ALA B 66 -5.31 -15.43 -27.65
CA ALA B 66 -6.57 -14.75 -27.97
C ALA B 66 -7.31 -14.34 -26.71
N GLU B 67 -7.28 -15.18 -25.67
CA GLU B 67 -7.99 -14.85 -24.44
C GLU B 67 -7.49 -13.55 -23.83
N MET B 68 -6.19 -13.27 -23.95
CA MET B 68 -5.66 -12.02 -23.42
C MET B 68 -6.33 -10.82 -24.09
N GLY B 69 -6.55 -10.89 -25.41
CA GLY B 69 -7.33 -9.85 -26.07
C GLY B 69 -8.73 -9.74 -25.51
N TYR B 70 -9.30 -10.87 -25.08
CA TYR B 70 -10.60 -10.86 -24.42
C TYR B 70 -10.51 -10.25 -23.03
N VAL B 71 -9.44 -10.57 -22.28
CA VAL B 71 -9.23 -9.95 -20.98
C VAL B 71 -9.20 -8.44 -21.13
N PHE B 72 -8.47 -7.97 -22.14
CA PHE B 72 -8.47 -6.55 -22.45
C PHE B 72 -9.90 -6.07 -22.68
N SER B 73 -10.67 -6.82 -23.48
CA SER B 73 -12.05 -6.45 -23.73
C SER B 73 -12.86 -6.47 -22.43
N ALA B 74 -12.63 -7.45 -21.57
CA ALA B 74 -13.34 -7.51 -20.29
C ALA B 74 -13.15 -6.22 -19.50
N PHE B 75 -11.93 -5.71 -19.48
CA PHE B 75 -11.67 -4.41 -18.86
C PHE B 75 -12.24 -3.29 -19.72
N ALA B 76 -12.06 -3.39 -21.04
CA ALA B 76 -12.53 -2.34 -21.94
C ALA B 76 -14.05 -2.17 -21.83
N TRP B 77 -14.78 -3.27 -21.93
CA TRP B 77 -16.24 -3.21 -21.91
C TRP B 77 -16.72 -2.53 -20.63
N LEU B 78 -16.47 -3.16 -19.47
CA LEU B 78 -16.93 -2.57 -18.23
C LEU B 78 -16.39 -1.16 -18.04
N TYR B 79 -15.17 -0.89 -18.52
CA TYR B 79 -14.63 0.46 -18.42
C TYR B 79 -15.53 1.46 -19.13
N THR B 80 -16.07 1.08 -20.30
CA THR B 80 -16.92 1.98 -21.06
C THR B 80 -18.36 1.95 -20.55
N LEU B 81 -18.89 0.77 -20.26
CA LEU B 81 -20.27 0.68 -19.77
C LEU B 81 -20.41 1.33 -18.40
N CYS B 82 -19.38 1.25 -17.56
CA CYS B 82 -19.43 1.84 -16.23
C CYS B 82 -19.02 3.31 -16.24
N GLN B 83 -19.19 3.99 -17.38
CA GLN B 83 -18.89 5.42 -17.46
C GLN B 83 -20.09 6.25 -17.02
N ILE B 84 -21.29 5.90 -17.50
CA ILE B 84 -22.51 6.62 -17.12
C ILE B 84 -22.83 6.34 -15.67
N PRO B 85 -22.65 5.11 -15.17
CA PRO B 85 -22.77 4.90 -13.72
C PRO B 85 -21.72 5.64 -12.92
N GLY B 86 -20.48 5.70 -13.41
CA GLY B 86 -19.45 6.44 -12.71
C GLY B 86 -19.79 7.92 -12.59
N GLY B 87 -20.24 8.52 -13.69
CA GLY B 87 -20.66 9.91 -13.64
C GLY B 87 -21.76 10.18 -12.64
N TRP B 88 -22.73 9.26 -12.56
CA TRP B 88 -23.81 9.42 -11.59
C TRP B 88 -23.31 9.21 -10.16
N PHE B 89 -22.37 8.28 -9.98
CA PHE B 89 -21.79 8.05 -8.65
C PHE B 89 -20.92 9.23 -8.22
N LEU B 90 -20.37 9.96 -9.18
CA LEU B 90 -19.51 11.09 -8.85
C LEU B 90 -20.29 12.20 -8.16
N ASP B 91 -21.34 12.71 -8.81
CA ASP B 91 -22.07 13.85 -8.27
C ASP B 91 -22.74 13.52 -6.95
N ARG B 92 -23.41 12.37 -6.86
CA ARG B 92 -24.18 12.08 -5.66
C ARG B 92 -23.26 11.92 -4.46
N VAL B 93 -22.12 11.26 -4.64
CA VAL B 93 -21.27 10.88 -3.51
C VAL B 93 -20.20 11.93 -3.23
N GLY B 94 -19.71 12.62 -4.26
CA GLY B 94 -18.71 13.65 -4.10
C GLY B 94 -17.56 13.47 -5.07
N SER B 95 -16.66 14.45 -5.05
CA SER B 95 -15.51 14.43 -5.95
C SER B 95 -14.28 13.82 -5.30
N ARG B 96 -14.18 13.89 -3.98
CA ARG B 96 -13.03 13.33 -3.26
C ARG B 96 -13.28 11.86 -2.95
N VAL B 97 -14.23 11.58 -2.06
CA VAL B 97 -14.47 10.20 -1.65
C VAL B 97 -14.61 9.29 -2.86
N THR B 98 -15.22 9.78 -3.94
CA THR B 98 -15.38 8.97 -5.13
C THR B 98 -14.02 8.59 -5.71
N TYR B 99 -13.08 9.54 -5.73
CA TYR B 99 -11.78 9.27 -6.35
C TYR B 99 -10.97 8.30 -5.52
N PHE B 100 -11.02 8.43 -4.18
CA PHE B 100 -10.39 7.44 -3.32
C PHE B 100 -10.98 6.06 -3.55
N ILE B 101 -12.30 5.96 -3.57
CA ILE B 101 -12.94 4.68 -3.85
C ILE B 101 -12.48 4.14 -5.20
N ALA B 102 -12.22 5.02 -6.16
CA ALA B 102 -11.75 4.59 -7.47
C ALA B 102 -10.29 4.12 -7.40
N ILE B 103 -9.39 5.00 -6.96
CA ILE B 103 -7.97 4.63 -6.89
C ILE B 103 -7.79 3.40 -6.01
N PHE B 104 -8.31 3.44 -4.78
CA PHE B 104 -8.25 2.28 -3.90
C PHE B 104 -9.03 1.10 -4.44
N GLY B 105 -9.85 1.31 -5.47
CA GLY B 105 -10.59 0.23 -6.07
C GLY B 105 -9.74 -0.59 -7.02
N TRP B 106 -9.32 0.00 -8.14
CA TRP B 106 -8.53 -0.75 -9.11
C TRP B 106 -7.15 -1.10 -8.55
N SER B 107 -6.62 -0.26 -7.65
CA SER B 107 -5.30 -0.54 -7.09
C SER B 107 -5.29 -1.85 -6.32
N VAL B 108 -6.42 -2.24 -5.74
CA VAL B 108 -6.51 -3.53 -5.07
C VAL B 108 -6.63 -4.65 -6.10
N ALA B 109 -7.48 -4.45 -7.11
CA ALA B 109 -7.59 -5.43 -8.19
C ALA B 109 -6.24 -5.65 -8.86
N THR B 110 -5.56 -4.56 -9.23
CA THR B 110 -4.26 -4.69 -9.87
C THR B 110 -3.29 -5.46 -8.97
N LEU B 111 -3.32 -5.19 -7.66
CA LEU B 111 -2.45 -5.93 -6.76
C LEU B 111 -2.81 -7.42 -6.73
N PHE B 112 -4.10 -7.73 -6.73
CA PHE B 112 -4.52 -9.12 -6.72
C PHE B 112 -4.31 -9.80 -8.07
N GLN B 113 -4.17 -9.05 -9.16
CA GLN B 113 -3.89 -9.71 -10.44
C GLN B 113 -2.57 -10.47 -10.38
N GLY B 114 -1.61 -9.97 -9.58
CA GLY B 114 -0.40 -10.72 -9.33
C GLY B 114 -0.67 -12.02 -8.61
N PHE B 115 -1.84 -12.15 -7.97
CA PHE B 115 -2.25 -13.39 -7.33
C PHE B 115 -3.48 -13.98 -8.01
N ALA B 116 -3.62 -13.76 -9.32
CA ALA B 116 -4.74 -14.32 -10.06
C ALA B 116 -4.45 -15.78 -10.36
N THR B 117 -5.45 -16.63 -10.14
CA THR B 117 -5.33 -18.08 -10.37
C THR B 117 -6.35 -18.48 -11.42
N GLY B 118 -5.90 -18.68 -12.66
CA GLY B 118 -6.78 -19.01 -13.74
C GLY B 118 -7.21 -17.78 -14.53
N LEU B 119 -7.68 -18.02 -15.76
CA LEU B 119 -8.10 -16.93 -16.62
C LEU B 119 -9.27 -16.15 -16.02
N MET B 120 -10.13 -16.82 -15.23
CA MET B 120 -11.26 -16.13 -14.63
C MET B 120 -10.81 -15.04 -13.66
N SER B 121 -9.79 -15.34 -12.85
CA SER B 121 -9.25 -14.33 -11.94
C SER B 121 -8.64 -13.17 -12.72
N LEU B 122 -8.04 -13.46 -13.86
CA LEU B 122 -7.49 -12.37 -14.68
C LEU B 122 -8.61 -11.54 -15.28
N ILE B 123 -9.66 -12.19 -15.78
CA ILE B 123 -10.79 -11.45 -16.34
C ILE B 123 -11.56 -10.72 -15.24
N GLY B 124 -11.82 -11.40 -14.12
CA GLY B 124 -12.60 -10.79 -13.07
C GLY B 124 -11.94 -9.54 -12.51
N LEU B 125 -10.64 -9.62 -12.23
CA LEU B 125 -9.94 -8.45 -11.70
C LEU B 125 -9.82 -7.37 -12.75
N ARG B 126 -9.48 -7.74 -13.99
CA ARG B 126 -9.49 -6.76 -15.07
C ARG B 126 -10.89 -6.22 -15.34
N ALA B 127 -11.92 -7.06 -15.15
CA ALA B 127 -13.28 -6.58 -15.21
C ALA B 127 -13.55 -5.54 -14.12
N ILE B 128 -13.17 -5.86 -12.87
CA ILE B 128 -13.30 -4.90 -11.77
C ILE B 128 -12.46 -3.67 -12.06
N THR B 129 -11.27 -3.86 -12.63
CA THR B 129 -10.39 -2.72 -12.92
C THR B 129 -11.10 -1.72 -13.83
N GLY B 130 -11.88 -2.20 -14.80
CA GLY B 130 -12.60 -1.30 -15.67
C GLY B 130 -13.68 -0.54 -14.94
N ILE B 131 -14.29 -1.15 -13.92
CA ILE B 131 -15.37 -0.49 -13.18
C ILE B 131 -14.82 0.71 -12.43
N PHE B 132 -13.80 0.49 -11.58
CA PHE B 132 -13.28 1.57 -10.76
C PHE B 132 -12.55 2.62 -11.59
N GLN B 133 -12.01 2.23 -12.75
CA GLN B 133 -11.30 3.21 -13.57
C GLN B 133 -12.24 3.99 -14.48
N ALA B 134 -13.53 3.67 -14.50
CA ALA B 134 -14.45 4.43 -15.35
C ALA B 134 -14.65 5.84 -14.82
N PRO B 135 -14.97 6.06 -13.53
CA PRO B 135 -15.14 7.44 -13.04
C PRO B 135 -13.82 8.11 -12.72
N ALA B 136 -12.75 7.76 -13.43
CA ALA B 136 -11.46 8.38 -13.12
C ALA B 136 -11.32 9.76 -13.73
N PHE B 137 -11.73 9.92 -14.99
CA PHE B 137 -11.66 11.20 -15.69
C PHE B 137 -12.79 12.14 -15.32
N PRO B 138 -14.05 11.71 -15.34
CA PRO B 138 -15.12 12.65 -14.97
C PRO B 138 -14.95 13.18 -13.56
N THR B 139 -14.41 12.36 -12.65
CA THR B 139 -14.09 12.88 -11.32
C THR B 139 -12.98 13.93 -11.43
N ASN B 140 -12.00 13.68 -12.32
CA ASN B 140 -10.92 14.65 -12.52
C ASN B 140 -11.43 15.93 -13.17
N ASN B 141 -12.37 15.80 -14.12
CA ASN B 141 -12.89 16.99 -14.78
C ASN B 141 -13.56 17.92 -13.79
N ARG B 142 -14.44 17.36 -12.95
CA ARG B 142 -15.13 18.18 -11.95
C ARG B 142 -14.12 18.90 -11.06
N MET B 143 -13.02 18.23 -10.72
CA MET B 143 -12.01 18.82 -9.85
C MET B 143 -11.30 20.00 -10.51
N VAL B 144 -10.84 19.82 -11.76
CA VAL B 144 -10.10 20.88 -12.43
C VAL B 144 -11.00 22.08 -12.69
N THR B 145 -12.32 21.86 -12.75
CA THR B 145 -13.24 22.97 -12.92
C THR B 145 -13.36 23.78 -11.63
N SER B 146 -13.17 23.13 -10.49
CA SER B 146 -13.21 23.79 -9.19
C SER B 146 -11.88 24.38 -8.72
N TRP B 147 -10.77 24.04 -9.37
CA TRP B 147 -9.46 24.49 -8.91
C TRP B 147 -8.80 25.53 -9.80
N PHE B 148 -9.34 25.80 -10.99
CA PHE B 148 -8.73 26.73 -11.91
C PHE B 148 -9.76 27.70 -12.47
N PRO B 149 -9.30 28.82 -13.01
CA PRO B 149 -10.22 29.74 -13.68
C PRO B 149 -10.46 29.31 -15.11
N GLU B 150 -10.88 30.22 -15.98
CA GLU B 150 -11.22 29.83 -17.34
C GLU B 150 -10.03 29.91 -18.26
N HIS B 151 -9.23 30.99 -18.16
CA HIS B 151 -8.07 31.12 -19.01
C HIS B 151 -7.03 30.03 -18.74
N GLU B 152 -6.87 29.62 -17.48
CA GLU B 152 -5.88 28.61 -17.14
C GLU B 152 -6.42 27.19 -17.14
N ARG B 153 -7.73 26.99 -17.37
CA ARG B 153 -8.26 25.64 -17.42
C ARG B 153 -7.75 24.86 -18.62
N ALA B 154 -7.51 25.54 -19.75
CA ALA B 154 -7.08 24.84 -20.95
C ALA B 154 -5.71 24.21 -20.78
N SER B 155 -4.79 24.91 -20.09
CA SER B 155 -3.47 24.35 -19.84
C SER B 155 -3.50 23.18 -18.87
N ALA B 156 -4.49 23.13 -17.97
CA ALA B 156 -4.55 22.07 -16.99
C ALA B 156 -4.92 20.72 -17.60
N VAL B 157 -5.90 20.70 -18.51
CA VAL B 157 -6.29 19.44 -19.11
C VAL B 157 -5.12 18.84 -19.89
N GLY B 158 -4.37 19.68 -20.58
CA GLY B 158 -3.24 19.22 -21.36
C GLY B 158 -2.04 18.79 -20.55
N PHE B 159 -2.11 18.81 -19.23
CA PHE B 159 -0.99 18.42 -18.39
C PHE B 159 -1.10 16.96 -17.94
N TYR B 160 -2.23 16.60 -17.32
CA TYR B 160 -2.40 15.23 -16.88
C TYR B 160 -2.75 14.29 -18.03
N THR B 161 -3.26 14.80 -19.14
CA THR B 161 -3.51 13.94 -20.29
C THR B 161 -2.19 13.52 -20.95
N SER B 162 -1.19 14.41 -20.93
CA SER B 162 0.15 14.04 -21.39
C SER B 162 0.78 13.00 -20.47
N GLY B 163 0.50 13.08 -19.17
CA GLY B 163 1.00 12.09 -18.22
C GLY B 163 0.58 10.67 -18.54
N GLN B 164 -0.48 10.51 -19.33
CA GLN B 164 -0.90 9.18 -19.76
C GLN B 164 0.22 8.50 -20.55
N PHE B 165 0.77 9.22 -21.53
CA PHE B 165 1.85 8.67 -22.34
C PHE B 165 3.07 8.35 -21.50
N VAL B 166 3.30 9.12 -20.43
CA VAL B 166 4.43 8.83 -19.56
C VAL B 166 4.18 7.54 -18.79
N GLY B 167 3.04 7.45 -18.11
CA GLY B 167 2.69 6.21 -17.43
C GLY B 167 2.55 5.05 -18.40
N LEU B 168 2.13 5.34 -19.64
CA LEU B 168 2.01 4.31 -20.67
C LEU B 168 3.35 3.94 -21.29
N ALA B 169 4.35 4.83 -21.24
CA ALA B 169 5.63 4.59 -21.90
C ALA B 169 6.79 4.64 -20.92
N PHE B 170 7.14 5.82 -20.39
CA PHE B 170 8.38 5.98 -19.63
C PHE B 170 8.51 5.01 -18.46
N LEU B 171 7.41 4.41 -17.99
CA LEU B 171 7.51 3.38 -16.96
C LEU B 171 7.55 1.98 -17.54
N THR B 172 7.25 1.81 -18.82
CA THR B 172 7.36 0.49 -19.42
C THR B 172 8.79 -0.05 -19.39
N PRO B 173 9.85 0.78 -19.54
CA PRO B 173 11.20 0.22 -19.39
C PRO B 173 11.46 -0.29 -17.98
N LEU B 174 10.93 0.41 -16.97
CA LEU B 174 11.08 -0.07 -15.60
C LEU B 174 10.30 -1.38 -15.40
N LEU B 175 9.10 -1.48 -15.99
CA LEU B 175 8.31 -2.69 -15.84
C LEU B 175 9.00 -3.88 -16.50
N ILE B 176 9.44 -3.73 -17.75
CA ILE B 176 10.14 -4.82 -18.41
C ILE B 176 11.44 -5.12 -17.69
N TRP B 177 12.13 -4.08 -17.20
CA TRP B 177 13.34 -4.29 -16.41
C TRP B 177 13.01 -5.04 -15.12
N ILE B 178 11.92 -4.67 -14.46
CA ILE B 178 11.44 -5.41 -13.30
C ILE B 178 10.79 -6.74 -13.72
N GLN B 179 10.34 -6.85 -14.97
CA GLN B 179 9.72 -8.09 -15.42
C GLN B 179 10.76 -9.20 -15.59
N GLU B 180 11.88 -8.89 -16.24
CA GLU B 180 12.90 -9.91 -16.47
C GLU B 180 13.64 -10.22 -15.18
N MET B 181 13.91 -9.20 -14.37
CA MET B 181 14.67 -9.40 -13.13
C MET B 181 13.89 -10.28 -12.16
N LEU B 182 12.68 -9.84 -11.79
CA LEU B 182 11.83 -10.60 -10.89
C LEU B 182 10.77 -11.36 -11.69
N SER B 183 9.78 -11.91 -10.98
CA SER B 183 8.70 -12.66 -11.59
C SER B 183 7.73 -11.70 -12.31
N TRP B 184 6.67 -12.26 -12.87
CA TRP B 184 5.65 -11.46 -13.55
C TRP B 184 4.66 -10.82 -12.59
N HIS B 185 4.57 -11.32 -11.36
CA HIS B 185 3.59 -10.80 -10.41
C HIS B 185 3.91 -9.36 -10.00
N TRP B 186 5.19 -9.02 -9.88
CA TRP B 186 5.59 -7.71 -9.39
C TRP B 186 5.17 -6.59 -10.32
N VAL B 187 5.04 -6.87 -11.62
CA VAL B 187 4.51 -5.86 -12.53
C VAL B 187 3.14 -5.42 -12.06
N PHE B 188 2.37 -6.35 -11.48
CA PHE B 188 1.07 -6.04 -10.91
C PHE B 188 1.14 -5.60 -9.45
N ILE B 189 2.16 -6.03 -8.70
CA ILE B 189 2.28 -5.59 -7.32
C ILE B 189 2.90 -4.20 -7.26
N VAL B 190 3.91 -3.95 -8.08
CA VAL B 190 4.52 -2.62 -8.12
C VAL B 190 3.48 -1.60 -8.56
N THR B 191 2.91 -1.80 -9.74
CA THR B 191 1.91 -0.87 -10.24
C THR B 191 0.68 -0.84 -9.34
N GLY B 192 0.19 -2.02 -8.94
CA GLY B 192 -0.97 -2.06 -8.06
C GLY B 192 -0.67 -1.59 -6.66
N GLY B 193 0.51 -1.94 -6.14
CA GLY B 193 0.88 -1.49 -4.81
C GLY B 193 1.06 0.02 -4.73
N ILE B 194 1.68 0.61 -5.75
CA ILE B 194 1.84 2.06 -5.77
C ILE B 194 0.48 2.74 -5.73
N GLY B 195 -0.50 2.17 -6.41
CA GLY B 195 -1.83 2.75 -6.40
C GLY B 195 -2.49 2.70 -5.04
N ILE B 196 -2.33 1.59 -4.32
CA ILE B 196 -2.98 1.45 -3.01
C ILE B 196 -2.50 2.52 -2.06
N ILE B 197 -1.17 2.65 -1.90
CA ILE B 197 -0.64 3.66 -1.00
C ILE B 197 -1.08 5.04 -1.46
N TRP B 198 -1.13 5.26 -2.77
CA TRP B 198 -1.54 6.56 -3.30
C TRP B 198 -2.98 6.87 -2.97
N SER B 199 -3.85 5.85 -2.96
CA SER B 199 -5.26 6.07 -2.66
C SER B 199 -5.46 6.59 -1.24
N LEU B 200 -4.93 5.86 -0.26
CA LEU B 200 -5.10 6.30 1.12
C LEU B 200 -4.44 7.66 1.33
N ILE B 201 -3.31 7.90 0.67
CA ILE B 201 -2.73 9.23 0.68
C ILE B 201 -3.79 10.24 0.22
N TRP B 202 -4.41 9.96 -0.92
CA TRP B 202 -5.41 10.86 -1.47
C TRP B 202 -6.55 11.11 -0.50
N PHE B 203 -6.93 10.09 0.28
CA PHE B 203 -8.04 10.26 1.20
C PHE B 203 -7.72 11.32 2.24
N LYS B 204 -6.45 11.38 2.67
CA LYS B 204 -6.06 12.27 3.76
C LYS B 204 -5.55 13.62 3.30
N VAL B 205 -5.01 13.73 2.09
CA VAL B 205 -4.38 14.98 1.65
C VAL B 205 -5.34 15.83 0.83
N TYR B 206 -6.07 15.23 -0.09
CA TYR B 206 -6.92 15.99 -0.98
C TYR B 206 -8.26 16.36 -0.32
N GLN B 207 -8.75 17.54 -0.66
CA GLN B 207 -10.05 18.02 -0.25
C GLN B 207 -10.50 19.10 -1.22
N PRO B 208 -11.79 19.35 -1.31
CA PRO B 208 -12.29 20.39 -2.23
C PRO B 208 -11.65 21.74 -1.91
N PRO B 209 -11.65 22.67 -2.87
CA PRO B 209 -11.07 23.99 -2.59
C PRO B 209 -11.73 24.65 -1.39
N ARG B 210 -13.04 24.45 -1.23
CA ARG B 210 -13.76 25.08 -0.13
C ARG B 210 -13.17 24.69 1.22
N LEU B 211 -13.01 23.39 1.47
CA LEU B 211 -12.49 22.89 2.73
C LEU B 211 -10.97 22.75 2.78
N THR B 212 -10.28 22.82 1.64
CA THR B 212 -8.84 22.63 1.62
C THR B 212 -8.08 23.70 2.41
N LYS B 213 -7.73 23.39 3.65
CA LYS B 213 -7.00 24.35 4.47
C LYS B 213 -5.70 24.75 3.77
N GLY B 214 -5.24 25.96 4.09
CA GLY B 214 -4.03 26.50 3.52
C GLY B 214 -4.19 27.22 2.20
N ILE B 215 -5.35 27.15 1.57
CA ILE B 215 -5.57 27.85 0.31
C ILE B 215 -5.48 29.35 0.56
N SER B 216 -4.85 30.07 -0.37
CA SER B 216 -4.68 31.51 -0.22
C SER B 216 -5.99 32.23 -0.49
N LYS B 217 -6.28 33.23 0.35
CA LYS B 217 -7.54 33.96 0.26
C LYS B 217 -7.70 34.65 -1.09
N ALA B 218 -6.61 35.16 -1.65
CA ALA B 218 -6.68 35.83 -2.94
C ALA B 218 -6.78 34.82 -4.08
N GLU B 219 -6.15 33.66 -3.92
CA GLU B 219 -6.17 32.64 -4.98
C GLU B 219 -7.59 32.13 -5.20
N LEU B 220 -8.29 31.76 -4.13
CA LEU B 220 -9.63 31.20 -4.26
C LEU B 220 -10.56 32.15 -5.01
N ASP B 221 -10.51 33.44 -4.68
CA ASP B 221 -11.31 34.42 -5.41
C ASP B 221 -10.80 34.59 -6.85
N TYR B 222 -9.48 34.51 -7.04
CA TYR B 222 -8.92 34.53 -8.39
C TYR B 222 -9.55 33.43 -9.24
N ILE B 223 -9.76 32.25 -8.66
CA ILE B 223 -10.35 31.15 -9.40
C ILE B 223 -11.80 31.46 -9.76
N ARG B 224 -12.56 32.07 -8.84
CA ARG B 224 -13.99 32.24 -9.06
C ARG B 224 -14.26 33.41 -9.99
N ASP B 225 -13.62 34.56 -9.75
CA ASP B 225 -13.82 35.72 -10.63
C ASP B 225 -13.24 35.49 -12.01
N GLY B 226 -12.25 34.59 -12.14
CA GLY B 226 -11.68 34.28 -13.43
C GLY B 226 -12.44 33.26 -14.24
N GLY B 227 -13.39 32.56 -13.62
CA GLY B 227 -14.21 31.58 -14.31
C GLY B 227 -14.16 30.21 -13.70
N GLY B 228 -13.84 30.13 -12.41
CA GLY B 228 -13.78 28.87 -11.71
C GLY B 228 -15.02 28.65 -10.84
N LEU B 229 -15.15 27.42 -10.37
CA LEU B 229 -16.25 27.04 -9.49
C LEU B 229 -15.70 26.68 -8.12
N VAL B 230 -16.58 26.75 -7.12
CA VAL B 230 -16.20 26.44 -5.75
C VAL B 230 -17.37 25.86 -4.96
N LEU B 244 -35.43 15.63 -12.65
CA LEU B 244 -34.43 14.70 -12.12
C LEU B 244 -33.77 13.96 -13.27
N THR B 245 -34.36 12.83 -13.65
CA THR B 245 -33.79 12.01 -14.72
C THR B 245 -34.38 12.37 -16.07
N ALA B 246 -35.70 12.24 -16.21
CA ALA B 246 -36.34 12.51 -17.49
C ALA B 246 -36.08 13.94 -17.97
N LYS B 247 -36.30 14.92 -17.11
CA LYS B 247 -36.11 16.31 -17.51
C LYS B 247 -34.70 16.57 -18.02
N ASP B 248 -33.70 16.35 -17.16
CA ASP B 248 -32.32 16.62 -17.53
C ASP B 248 -31.80 15.68 -18.61
N TRP B 249 -32.31 14.44 -18.65
CA TRP B 249 -31.85 13.47 -19.64
C TRP B 249 -31.94 14.00 -21.06
N LYS B 250 -33.05 14.65 -21.41
CA LYS B 250 -33.23 15.11 -22.77
C LYS B 250 -32.42 16.37 -23.06
N LEU B 251 -32.00 17.08 -22.02
CA LEU B 251 -31.27 18.34 -22.21
C LEU B 251 -29.83 18.11 -22.65
N VAL B 252 -29.14 17.13 -22.06
CA VAL B 252 -27.73 16.92 -22.35
C VAL B 252 -27.49 16.50 -23.80
N PHE B 253 -28.45 15.79 -24.41
CA PHE B 253 -28.18 15.22 -25.73
C PHE B 253 -28.32 16.22 -26.87
N HIS B 254 -29.49 16.86 -27.01
CA HIS B 254 -29.75 17.63 -28.23
C HIS B 254 -28.88 18.86 -28.36
N ARG B 255 -28.34 19.39 -27.27
CA ARG B 255 -27.47 20.56 -27.35
C ARG B 255 -26.23 20.29 -28.18
N LYS B 256 -25.32 21.28 -28.23
CA LYS B 256 -24.14 21.20 -29.08
C LYS B 256 -23.19 20.08 -28.68
N LEU B 257 -23.16 19.71 -27.40
CA LEU B 257 -22.20 18.74 -26.91
C LEU B 257 -22.32 17.39 -27.61
N ILE B 258 -23.48 17.09 -28.22
CA ILE B 258 -23.61 15.86 -28.98
C ILE B 258 -22.55 15.80 -30.08
N GLY B 259 -22.34 16.92 -30.78
CA GLY B 259 -21.32 16.98 -31.80
C GLY B 259 -19.92 16.70 -31.28
N VAL B 260 -19.69 16.90 -29.98
CA VAL B 260 -18.38 16.62 -29.40
C VAL B 260 -18.16 15.12 -29.25
N TYR B 261 -19.24 14.36 -28.99
CA TYR B 261 -19.10 12.91 -28.90
C TYR B 261 -18.53 12.33 -30.19
N LEU B 262 -19.04 12.77 -31.34
CA LEU B 262 -18.51 12.26 -32.60
C LEU B 262 -17.06 12.65 -32.80
N GLY B 263 -16.67 13.83 -32.31
CA GLY B 263 -15.28 14.23 -32.41
C GLY B 263 -14.37 13.32 -31.62
N GLN B 264 -14.77 12.99 -30.39
CA GLN B 264 -13.97 12.14 -29.51
C GLN B 264 -14.04 10.66 -29.89
N PHE B 265 -15.08 10.24 -30.62
CA PHE B 265 -15.11 8.88 -31.14
C PHE B 265 -13.87 8.58 -31.96
N ALA B 266 -13.26 9.62 -32.56
CA ALA B 266 -12.05 9.45 -33.35
C ALA B 266 -10.77 9.81 -32.60
N VAL B 267 -10.87 10.50 -31.46
CA VAL B 267 -9.70 10.94 -30.73
C VAL B 267 -9.35 9.92 -29.66
N ALA B 268 -10.32 9.60 -28.78
CA ALA B 268 -10.07 8.64 -27.72
C ALA B 268 -9.81 7.23 -28.27
N SER B 269 -10.27 6.94 -29.48
CA SER B 269 -10.14 5.59 -30.03
C SER B 269 -8.70 5.24 -30.36
N THR B 270 -8.00 6.15 -31.04
CA THR B 270 -6.67 5.84 -31.53
C THR B 270 -5.71 5.43 -30.41
N LEU B 271 -5.97 5.90 -29.18
CA LEU B 271 -5.06 5.58 -28.09
C LEU B 271 -5.20 4.14 -27.62
N TRP B 272 -6.36 3.51 -27.86
CA TRP B 272 -6.62 2.16 -27.38
C TRP B 272 -6.10 1.07 -28.31
N PHE B 273 -5.58 1.42 -29.49
CA PHE B 273 -4.90 0.43 -30.31
C PHE B 273 -3.83 -0.29 -29.52
N PHE B 274 -3.05 0.44 -28.74
CA PHE B 274 -2.00 -0.15 -27.91
C PHE B 274 -2.56 -1.11 -26.87
N LEU B 275 -3.88 -1.13 -26.65
CA LEU B 275 -4.45 -2.04 -25.67
C LEU B 275 -4.26 -3.49 -26.13
N THR B 276 -4.44 -3.76 -27.42
CA THR B 276 -4.40 -5.12 -27.94
C THR B 276 -3.25 -5.30 -28.94
N LEU B 291 7.58 -4.17 -38.74
CA LEU B 291 8.53 -4.94 -37.95
C LEU B 291 8.18 -4.90 -36.46
N LYS B 292 7.30 -3.96 -36.09
CA LYS B 292 6.85 -3.82 -34.70
C LYS B 292 8.02 -3.58 -33.74
N ALA B 293 9.05 -2.88 -34.21
CA ALA B 293 10.21 -2.59 -33.38
C ALA B 293 9.86 -1.46 -32.41
N GLY B 294 10.22 -1.66 -31.13
CA GLY B 294 9.96 -0.63 -30.15
C GLY B 294 10.56 0.71 -30.53
N PHE B 295 11.74 0.69 -31.15
CA PHE B 295 12.42 1.94 -31.49
C PHE B 295 11.63 2.72 -32.53
N MET B 296 11.01 2.02 -33.47
CA MET B 296 10.21 2.66 -34.51
C MET B 296 8.80 3.02 -34.06
N THR B 297 8.27 2.34 -33.04
CA THR B 297 6.92 2.55 -32.56
C THR B 297 6.83 3.27 -31.22
N THR B 298 7.96 3.73 -30.66
CA THR B 298 7.96 4.38 -29.35
C THR B 298 8.11 5.90 -29.44
N VAL B 299 8.51 6.41 -30.61
CA VAL B 299 8.64 7.85 -30.84
C VAL B 299 7.24 8.46 -30.81
N PRO B 300 6.23 7.86 -31.44
CA PRO B 300 4.91 8.50 -31.44
C PRO B 300 4.41 8.87 -30.06
N PHE B 301 4.86 8.19 -29.01
CA PHE B 301 4.40 8.54 -27.66
C PHE B 301 5.09 9.80 -27.15
N LEU B 302 6.20 10.20 -27.78
CA LEU B 302 6.82 11.50 -27.52
C LEU B 302 6.21 12.57 -28.41
N ALA B 303 6.00 12.24 -29.70
CA ALA B 303 5.34 13.17 -30.60
C ALA B 303 3.98 13.57 -30.05
N ALA B 304 3.23 12.62 -29.51
CA ALA B 304 1.95 12.95 -28.90
C ALA B 304 2.13 13.63 -27.54
N PHE B 305 3.14 13.20 -26.77
CA PHE B 305 3.42 13.83 -25.49
C PHE B 305 3.56 15.34 -25.65
N VAL B 306 4.43 15.75 -26.58
CA VAL B 306 4.58 17.18 -26.87
C VAL B 306 3.34 17.74 -27.54
N GLY B 307 2.54 16.88 -28.20
CA GLY B 307 1.33 17.36 -28.85
C GLY B 307 0.32 17.93 -27.85
N VAL B 308 0.02 17.16 -26.79
CA VAL B 308 -0.95 17.63 -25.81
C VAL B 308 -0.42 18.85 -25.06
N LEU B 309 0.88 18.92 -24.83
CA LEU B 309 1.45 20.04 -24.08
C LEU B 309 1.36 21.33 -24.88
N LEU B 310 1.79 21.28 -26.15
CA LEU B 310 1.78 22.48 -26.98
C LEU B 310 0.36 23.01 -27.19
N SER B 311 -0.62 22.10 -27.29
CA SER B 311 -2.00 22.54 -27.48
C SER B 311 -2.50 23.34 -26.28
N GLY B 312 -2.22 22.88 -25.07
CA GLY B 312 -2.63 23.60 -23.88
C GLY B 312 -2.04 24.99 -23.78
N TRP B 313 -0.87 25.21 -24.38
CA TRP B 313 -0.26 26.53 -24.33
C TRP B 313 -0.94 27.49 -25.31
N VAL B 314 -1.37 26.98 -26.46
CA VAL B 314 -2.06 27.81 -27.44
C VAL B 314 -3.42 28.24 -26.90
N ALA B 315 -4.22 27.28 -26.43
CA ALA B 315 -5.57 27.60 -25.94
C ALA B 315 -5.52 28.63 -24.82
N ASP B 316 -4.51 28.58 -23.97
CA ASP B 316 -4.38 29.57 -22.91
C ASP B 316 -4.08 30.94 -23.52
N LEU B 317 -3.25 30.96 -24.56
CA LEU B 317 -2.85 32.22 -25.20
C LEU B 317 -3.97 32.79 -26.06
N LEU B 318 -4.71 31.95 -26.78
CA LEU B 318 -5.77 32.44 -27.63
C LEU B 318 -6.80 33.24 -26.82
N VAL B 319 -7.23 32.68 -25.70
CA VAL B 319 -8.24 33.37 -24.89
C VAL B 319 -7.61 34.58 -24.20
N ARG B 320 -6.32 34.48 -23.86
CA ARG B 320 -5.62 35.57 -23.22
C ARG B 320 -5.49 36.80 -24.12
N LYS B 321 -5.54 36.61 -25.43
CA LYS B 321 -5.51 37.72 -26.37
C LYS B 321 -6.90 38.28 -26.67
N GLY B 322 -7.87 38.01 -25.82
CA GLY B 322 -9.22 38.48 -26.06
C GLY B 322 -9.96 37.73 -27.14
N PHE B 323 -9.87 36.40 -27.15
CA PHE B 323 -10.61 35.58 -28.09
C PHE B 323 -11.64 34.74 -27.32
N SER B 324 -12.67 34.32 -28.03
CA SER B 324 -13.76 33.57 -27.42
C SER B 324 -13.27 32.21 -26.94
N LEU B 325 -14.10 31.57 -26.13
CA LEU B 325 -13.76 30.24 -25.61
C LEU B 325 -13.81 29.19 -26.71
N GLY B 326 -14.77 29.29 -27.62
CA GLY B 326 -14.85 28.32 -28.71
C GLY B 326 -13.67 28.43 -29.65
N PHE B 327 -13.36 29.64 -30.11
CA PHE B 327 -12.24 29.83 -31.01
C PHE B 327 -10.93 29.40 -30.35
N ALA B 328 -10.85 29.50 -29.02
CA ALA B 328 -9.62 29.14 -28.33
C ALA B 328 -9.43 27.62 -28.28
N ARG B 329 -10.53 26.87 -28.13
CA ARG B 329 -10.45 25.42 -28.05
C ARG B 329 -10.97 24.68 -29.27
N LYS B 330 -11.95 25.22 -30.00
CA LYS B 330 -12.44 24.56 -31.20
C LYS B 330 -11.33 24.50 -32.26
N THR B 331 -10.67 25.63 -32.50
CA THR B 331 -9.62 25.69 -33.51
C THR B 331 -8.54 24.64 -33.31
N PRO B 332 -7.93 24.51 -32.12
CA PRO B 332 -6.90 23.47 -31.94
C PRO B 332 -7.44 22.05 -32.06
N ILE B 333 -8.74 21.84 -32.08
CA ILE B 333 -9.28 20.49 -32.25
C ILE B 333 -9.45 20.14 -33.73
N ILE B 334 -9.90 21.10 -34.54
CA ILE B 334 -10.11 20.85 -35.96
C ILE B 334 -8.80 20.53 -36.66
N CYS B 335 -7.81 21.42 -36.52
CA CYS B 335 -6.54 21.24 -37.23
C CYS B 335 -5.88 19.92 -36.87
N GLY B 336 -6.05 19.43 -35.64
CA GLY B 336 -5.43 18.18 -35.25
C GLY B 336 -5.90 16.99 -36.07
N LEU B 337 -7.21 16.77 -36.11
CA LEU B 337 -7.74 15.67 -36.91
C LEU B 337 -7.44 15.86 -38.40
N LEU B 338 -7.30 17.11 -38.85
CA LEU B 338 -6.92 17.35 -40.23
C LEU B 338 -5.51 16.86 -40.53
N ILE B 339 -4.59 17.08 -39.59
CA ILE B 339 -3.22 16.57 -39.77
C ILE B 339 -3.20 15.06 -39.62
N SER B 340 -4.13 14.48 -38.85
CA SER B 340 -4.19 13.05 -38.66
C SER B 340 -4.36 12.30 -39.99
N THR B 341 -4.88 12.97 -41.01
CA THR B 341 -5.03 12.32 -42.31
C THR B 341 -3.69 12.18 -43.04
N CYS B 342 -2.60 12.71 -42.49
CA CYS B 342 -1.31 12.58 -43.15
C CYS B 342 -0.86 11.12 -43.20
N ILE B 343 -1.43 10.27 -42.34
CA ILE B 343 -1.09 8.85 -42.39
C ILE B 343 -1.46 8.28 -43.75
N MET B 344 -2.43 8.90 -44.43
CA MET B 344 -2.81 8.44 -45.76
C MET B 344 -1.63 8.57 -46.73
N GLY B 345 -0.83 9.62 -46.56
CA GLY B 345 0.33 9.79 -47.42
C GLY B 345 1.54 8.97 -47.00
N ALA B 346 1.48 8.38 -45.80
CA ALA B 346 2.55 7.51 -45.34
C ALA B 346 2.50 6.16 -46.02
N ASN B 347 1.34 5.78 -46.56
CA ASN B 347 1.18 4.47 -47.18
C ASN B 347 1.59 4.46 -48.64
N TYR B 348 1.78 5.62 -49.26
CA TYR B 348 2.21 5.67 -50.65
C TYR B 348 3.70 5.41 -50.82
N THR B 349 4.49 5.62 -49.77
CA THR B 349 5.92 5.35 -49.78
C THR B 349 6.20 4.20 -48.81
N ASN B 350 6.92 3.18 -49.29
CA ASN B 350 7.25 2.05 -48.44
C ASN B 350 8.53 2.23 -47.63
N ASP B 351 9.08 3.44 -47.58
CA ASP B 351 10.33 3.54 -46.83
C ASP B 351 10.03 3.78 -45.35
N PRO B 352 10.81 3.17 -44.44
CA PRO B 352 10.55 3.38 -43.01
C PRO B 352 10.86 4.81 -42.56
N MET B 353 11.43 5.65 -43.41
CA MET B 353 11.73 7.01 -43.02
C MET B 353 10.55 7.95 -43.23
N MET B 354 9.95 7.90 -44.42
CA MET B 354 8.73 8.67 -44.63
C MET B 354 7.55 8.06 -43.88
N ILE B 355 7.53 6.72 -43.74
CA ILE B 355 6.52 6.10 -42.90
C ILE B 355 6.66 6.60 -41.46
N MET B 356 7.86 6.47 -40.91
CA MET B 356 8.09 6.92 -39.53
C MET B 356 7.90 8.42 -39.41
N CYS B 357 8.27 9.18 -40.46
CA CYS B 357 8.09 10.62 -40.44
C CYS B 357 6.61 10.99 -40.46
N LEU B 358 5.88 10.51 -41.47
CA LEU B 358 4.46 10.78 -41.57
C LEU B 358 3.64 10.02 -40.53
N MET B 359 4.15 8.90 -40.02
CA MET B 359 3.46 8.21 -38.93
C MET B 359 3.58 8.99 -37.62
N ALA B 360 4.79 9.49 -37.32
CA ALA B 360 4.95 10.30 -36.11
C ALA B 360 4.22 11.63 -36.24
N LEU B 361 4.20 12.20 -37.45
CA LEU B 361 3.46 13.43 -37.67
C LEU B 361 1.96 13.18 -37.63
N ALA B 362 1.50 12.06 -38.19
CA ALA B 362 0.09 11.71 -38.14
C ALA B 362 -0.35 11.43 -36.70
N PHE B 363 0.48 10.71 -35.93
CA PHE B 363 0.18 10.46 -34.52
C PHE B 363 0.30 11.71 -33.67
N PHE B 364 1.03 12.72 -34.13
CA PHE B 364 1.10 13.99 -33.43
C PHE B 364 -0.24 14.72 -33.41
N GLY B 365 -1.03 14.59 -34.47
CA GLY B 365 -2.31 15.28 -34.54
C GLY B 365 -3.31 14.85 -33.49
N ASN B 366 -3.25 13.59 -33.08
CA ASN B 366 -4.19 13.10 -32.07
C ASN B 366 -4.01 13.78 -30.73
N GLY B 367 -2.76 13.87 -30.26
CA GLY B 367 -2.52 14.56 -29.01
C GLY B 367 -2.90 16.03 -29.07
N PHE B 368 -2.52 16.70 -30.15
CA PHE B 368 -2.89 18.11 -30.34
C PHE B 368 -4.40 18.32 -30.26
N ALA B 369 -5.20 17.34 -30.70
CA ALA B 369 -6.65 17.41 -30.58
C ALA B 369 -7.18 16.49 -29.49
N SER B 370 -6.36 16.22 -28.47
CA SER B 370 -6.76 15.38 -27.34
C SER B 370 -7.27 16.18 -26.14
N ILE B 371 -7.32 17.50 -26.24
CA ILE B 371 -7.80 18.34 -25.14
C ILE B 371 -9.29 18.61 -25.29
N THR B 372 -10.00 17.67 -25.90
CA THR B 372 -11.45 17.78 -26.06
C THR B 372 -12.18 17.81 -24.72
N TRP B 373 -11.51 17.51 -23.62
CA TRP B 373 -12.16 17.48 -22.32
C TRP B 373 -12.27 18.86 -21.70
N SER B 374 -11.64 19.88 -22.29
CA SER B 374 -11.72 21.24 -21.76
C SER B 374 -13.05 21.93 -22.05
N LEU B 375 -13.81 21.44 -23.03
CA LEU B 375 -15.04 22.10 -23.41
C LEU B 375 -16.28 21.48 -22.78
N VAL B 376 -16.14 20.33 -22.13
CA VAL B 376 -17.32 19.69 -21.54
C VAL B 376 -17.87 20.54 -20.40
N SER B 377 -17.00 21.14 -19.60
CA SER B 377 -17.48 21.87 -18.44
C SER B 377 -18.28 23.10 -18.85
N SER B 378 -17.90 23.76 -19.94
CA SER B 378 -18.62 24.96 -20.37
C SER B 378 -19.95 24.59 -20.99
N LEU B 379 -19.93 23.72 -22.01
CA LEU B 379 -21.18 23.34 -22.66
C LEU B 379 -22.09 22.58 -21.70
N ALA B 380 -21.52 21.76 -20.83
CA ALA B 380 -22.34 21.02 -19.88
C ALA B 380 -22.88 21.99 -18.83
N PRO B 381 -24.13 21.84 -18.42
CA PRO B 381 -24.67 22.74 -17.39
C PRO B 381 -24.02 22.51 -16.04
N MET B 382 -24.09 23.54 -15.20
CA MET B 382 -23.59 23.43 -13.84
C MET B 382 -24.33 22.32 -13.08
N ARG B 383 -25.57 22.03 -13.50
CA ARG B 383 -26.38 21.06 -12.77
C ARG B 383 -25.80 19.65 -12.83
N LEU B 384 -25.42 19.20 -14.03
CA LEU B 384 -24.93 17.84 -14.26
C LEU B 384 -23.54 17.90 -14.91
N ILE B 385 -22.52 18.19 -14.09
CA ILE B 385 -21.16 18.18 -14.61
C ILE B 385 -20.61 16.75 -14.61
N GLY B 386 -20.96 15.96 -13.61
CA GLY B 386 -20.44 14.60 -13.50
C GLY B 386 -21.12 13.62 -14.44
N LEU B 387 -22.44 13.73 -14.56
CA LEU B 387 -23.16 12.79 -15.43
C LEU B 387 -22.75 12.98 -16.88
N THR B 388 -22.58 14.23 -17.32
CA THR B 388 -22.15 14.47 -18.70
C THR B 388 -20.81 13.79 -18.97
N GLY B 389 -19.90 13.82 -17.99
CA GLY B 389 -18.62 13.15 -18.15
C GLY B 389 -18.74 11.65 -18.34
N GLY B 390 -19.74 11.04 -17.73
CA GLY B 390 -19.95 9.60 -17.87
C GLY B 390 -20.44 9.19 -19.23
N VAL B 391 -21.57 9.74 -19.67
CA VAL B 391 -22.07 9.47 -21.01
C VAL B 391 -21.04 9.86 -22.06
N PHE B 392 -20.16 10.81 -21.73
CA PHE B 392 -19.14 11.27 -22.67
C PHE B 392 -18.20 10.11 -23.00
N ASN B 393 -17.45 9.63 -22.01
CA ASN B 393 -16.55 8.51 -22.25
C ASN B 393 -17.30 7.26 -22.65
N PHE B 394 -18.58 7.13 -22.27
CA PHE B 394 -19.39 6.03 -22.77
C PHE B 394 -19.46 6.05 -24.29
N ALA B 395 -19.29 7.21 -24.92
CA ALA B 395 -19.17 7.32 -26.37
C ALA B 395 -17.73 7.37 -26.84
N GLY B 396 -16.86 8.11 -26.14
CA GLY B 396 -15.46 8.15 -26.52
C GLY B 396 -14.76 6.83 -26.25
N GLY B 397 -14.88 6.33 -25.03
CA GLY B 397 -14.32 5.02 -24.71
C GLY B 397 -14.87 3.92 -25.59
N LEU B 398 -16.17 4.00 -25.92
CA LEU B 398 -16.74 3.05 -26.87
C LEU B 398 -15.99 3.09 -28.19
N GLY B 399 -15.60 4.28 -28.63
CA GLY B 399 -14.75 4.39 -29.80
C GLY B 399 -13.46 3.61 -29.64
N GLY B 400 -12.92 3.56 -28.42
CA GLY B 400 -11.75 2.75 -28.15
C GLY B 400 -12.00 1.26 -28.09
N ILE B 401 -13.25 0.83 -28.26
CA ILE B 401 -13.58 -0.58 -28.30
C ILE B 401 -14.08 -1.02 -29.67
N THR B 402 -14.72 -0.13 -30.41
CA THR B 402 -15.25 -0.48 -31.73
C THR B 402 -14.25 -0.15 -32.84
N VAL B 403 -13.60 1.02 -32.77
CA VAL B 403 -12.63 1.38 -33.81
C VAL B 403 -11.50 0.40 -33.87
N PRO B 404 -10.88 -0.04 -32.77
CA PRO B 404 -9.86 -1.09 -32.87
C PRO B 404 -10.42 -2.39 -33.41
N LEU B 405 -11.67 -2.73 -33.10
CA LEU B 405 -12.28 -3.93 -33.63
C LEU B 405 -12.60 -3.80 -35.11
N VAL B 406 -12.98 -2.60 -35.57
CA VAL B 406 -13.27 -2.39 -36.98
C VAL B 406 -11.99 -2.51 -37.80
N VAL B 407 -10.93 -1.81 -37.39
CA VAL B 407 -9.67 -1.88 -38.11
C VAL B 407 -9.15 -3.31 -38.15
N GLY B 408 -9.44 -4.11 -37.12
CA GLY B 408 -8.98 -5.49 -37.12
C GLY B 408 -9.76 -6.35 -38.09
N TYR B 409 -11.09 -6.21 -38.10
CA TYR B 409 -11.90 -6.93 -39.08
C TYR B 409 -11.61 -6.40 -40.48
N LEU B 410 -11.12 -5.16 -40.58
CA LEU B 410 -10.85 -4.53 -41.86
C LEU B 410 -9.43 -4.84 -42.36
N ALA B 411 -8.52 -5.21 -41.46
CA ALA B 411 -7.21 -5.73 -41.85
C ALA B 411 -7.34 -7.20 -42.27
N GLN B 412 -8.33 -7.90 -41.75
CA GLN B 412 -8.53 -9.31 -42.07
C GLN B 412 -8.99 -9.47 -43.51
N GLY B 413 -9.96 -8.66 -43.93
CA GLY B 413 -10.50 -8.79 -45.27
C GLY B 413 -9.64 -8.16 -46.34
N TYR B 414 -8.99 -7.04 -46.04
CA TYR B 414 -8.19 -6.34 -47.03
C TYR B 414 -6.73 -6.20 -46.62
N GLY B 415 -6.43 -5.23 -45.76
CA GLY B 415 -5.08 -4.99 -45.33
C GLY B 415 -4.96 -3.68 -44.59
N PHE B 416 -3.73 -3.14 -44.54
CA PHE B 416 -3.49 -1.92 -43.80
C PHE B 416 -3.79 -0.65 -44.58
N ALA B 417 -3.64 -0.67 -45.90
CA ALA B 417 -3.87 0.55 -46.68
C ALA B 417 -5.29 1.07 -46.50
N PRO B 418 -6.34 0.24 -46.56
CA PRO B 418 -7.69 0.77 -46.30
C PRO B 418 -7.91 1.18 -44.86
N ALA B 419 -7.08 0.69 -43.92
CA ALA B 419 -7.20 1.11 -42.53
C ALA B 419 -6.59 2.49 -42.29
N LEU B 420 -5.51 2.82 -43.00
CA LEU B 420 -4.89 4.13 -42.82
C LEU B 420 -5.76 5.25 -43.38
N VAL B 421 -6.50 4.98 -44.46
CA VAL B 421 -7.43 5.96 -44.97
C VAL B 421 -8.67 6.02 -44.08
N TYR B 422 -9.03 4.90 -43.45
CA TYR B 422 -10.16 4.89 -42.52
C TYR B 422 -9.88 5.78 -41.31
N ILE B 423 -8.72 5.60 -40.69
CA ILE B 423 -8.32 6.49 -39.59
C ILE B 423 -8.32 7.93 -40.07
N SER B 424 -7.88 8.16 -41.32
CA SER B 424 -7.95 9.50 -41.89
C SER B 424 -9.39 9.90 -42.18
N ALA B 425 -10.22 8.95 -42.60
CA ALA B 425 -11.64 9.24 -42.82
C ALA B 425 -12.35 9.51 -41.50
N VAL B 426 -12.17 8.63 -40.51
CA VAL B 426 -12.77 8.85 -39.20
C VAL B 426 -12.27 10.15 -38.59
N ALA B 427 -10.99 10.47 -38.81
CA ALA B 427 -10.46 11.75 -38.36
C ALA B 427 -11.12 12.91 -39.11
N LEU B 428 -11.34 12.74 -40.41
CA LEU B 428 -12.04 13.76 -41.18
C LEU B 428 -13.46 13.93 -40.68
N ILE B 429 -14.16 12.83 -40.40
CA ILE B 429 -15.50 12.92 -39.84
C ILE B 429 -15.47 13.68 -38.51
N GLY B 430 -14.47 13.41 -37.68
CA GLY B 430 -14.33 14.15 -36.44
C GLY B 430 -14.10 15.63 -36.65
N ALA B 431 -13.18 15.97 -37.55
CA ALA B 431 -12.90 17.37 -37.84
C ALA B 431 -14.15 18.09 -38.33
N LEU B 432 -14.82 17.53 -39.33
CA LEU B 432 -16.05 18.13 -39.86
C LEU B 432 -17.10 18.24 -38.77
N SER B 433 -17.27 17.18 -37.96
CA SER B 433 -18.29 17.18 -36.93
C SER B 433 -18.08 18.31 -35.91
N TYR B 434 -16.85 18.76 -35.73
CA TYR B 434 -16.60 19.85 -34.80
C TYR B 434 -17.01 21.19 -35.41
N ILE B 435 -16.41 21.53 -36.57
CA ILE B 435 -16.69 22.82 -37.20
C ILE B 435 -18.18 23.00 -37.45
N LEU B 436 -18.90 21.89 -37.68
CA LEU B 436 -20.32 21.95 -37.98
C LEU B 436 -21.19 21.98 -36.73
N LEU B 437 -20.94 21.07 -35.79
CA LEU B 437 -21.77 20.93 -34.60
C LEU B 437 -21.19 21.63 -33.38
N VAL B 438 -20.20 22.50 -33.57
CA VAL B 438 -19.62 23.25 -32.46
C VAL B 438 -19.38 24.68 -32.88
N GLY B 439 -20.27 25.58 -32.51
CA GLY B 439 -20.08 26.98 -32.82
C GLY B 439 -19.65 27.72 -31.58
N ASP B 440 -20.60 28.41 -30.95
CA ASP B 440 -20.36 29.22 -29.78
C ASP B 440 -20.57 28.43 -28.50
N VAL B 441 -19.79 28.77 -27.47
CA VAL B 441 -19.88 28.10 -26.17
C VAL B 441 -20.99 28.73 -25.34
N LYS B 442 -21.90 27.89 -24.84
CA LYS B 442 -22.91 28.29 -23.88
C LYS B 442 -22.45 27.97 -22.46
N ARG B 443 -22.84 28.82 -21.51
CA ARG B 443 -22.54 28.58 -20.10
C ARG B 443 -23.36 27.42 -19.54
C4 J0M C . 5.80 -9.92 22.20
C5 J0M C . 9.63 -11.85 23.35
C6 J0M C . 5.41 -9.87 20.71
C3 J0M C . 9.20 -11.80 21.89
C1 J0M C . 8.15 -10.71 21.64
C2 J0M C . 6.88 -10.97 22.45
O1 J0M C . 8.72 -9.45 22.05
O2 J0M C . 6.36 -12.26 22.09
O3 J0M C . 8.63 -13.07 21.53
O4 J0M C . 6.26 -8.63 22.59
O5 J0M C . 10.20 -10.59 23.73
O6 J0M C . 5.31 -10.97 20.11
O7 J0M C . 5.20 -8.75 20.22
C4 J0M D . -9.94 9.44 -21.34
C5 J0M D . -8.73 12.45 -24.33
C6 J0M D . -9.34 8.04 -21.43
C3 J0M D . -8.14 11.04 -24.41
C1 J0M D . -9.01 10.03 -23.62
C2 J0M D . -9.10 10.43 -22.15
O1 J0M D . -10.33 9.99 -24.18
O2 J0M D . -7.78 10.47 -21.57
O3 J0M D . -6.82 11.05 -23.85
O4 J0M D . -11.27 9.39 -21.84
O5 J0M D . -10.05 12.43 -24.89
O6 J0M D . -8.09 7.98 -21.47
O7 J0M D . -10.13 7.08 -21.42
#